data_2WJ3
#
_entry.id   2WJ3
#
_cell.length_a   45.170
_cell.length_b   167.860
_cell.length_c   168.030
_cell.angle_alpha   90.00
_cell.angle_beta   90.00
_cell.angle_gamma   90.00
#
_symmetry.space_group_name_H-M   'P 21 21 21'
#
loop_
_entity.id
_entity.type
_entity.pdbx_description
1 polymer '1-H-3-HYDROXY-4-OXOQUINALDINE 2,4-DIOXYGENASE'
2 non-polymer GLYCEROL
3 non-polymer 'S,R MESO-TARTARIC ACID'
4 water water
#
_entity_poly.entity_id   1
_entity_poly.type   'polypeptide(L)'
_entity_poly.pdbx_seq_one_letter_code
;MTDTYLHETLVFDNKLSYIDNQRDTDGPAILLLPGWCHDHRVYKYLIQELDADFRVIVPNWRGHGLSPSEVPDFGYQEQV
KDALEILDQLGVETFLPVSHSHGGWVLVELLEQAGPERAPRGIIMDWLMWAPKPDFAKSLTLLKDPERWREGTHGLFDVW
LDGHDEKRVRHHLLEEMADYGYDCWGRSGRVIEDAYGRNGSPMQMMANLTKTRPIRHIFSQPTEPEYEKINSDFAEQHPW
FSYAKLGGPTHFPAIDVPDRAAVHIREFATAIRQGQ
;
_entity_poly.pdbx_strand_id   A,B,C,D
#
loop_
_chem_comp.id
_chem_comp.type
_chem_comp.name
_chem_comp.formula
GOL non-polymer GLYCEROL 'C3 H8 O3'
SRT non-polymer 'S,R MESO-TARTARIC ACID' 'C4 H6 O6'
#
# COMPACT_ATOMS: atom_id res chain seq x y z
N THR A 2 -13.50 30.68 30.51
CA THR A 2 -14.91 30.21 30.14
C THR A 2 -16.07 30.96 30.91
N ASP A 3 -15.79 31.46 32.11
CA ASP A 3 -16.64 32.52 32.69
C ASP A 3 -16.37 33.82 31.92
N THR A 4 -15.25 33.85 31.19
CA THR A 4 -14.94 34.90 30.17
C THR A 4 -16.02 35.05 29.09
N TYR A 5 -16.89 34.03 28.98
CA TYR A 5 -18.08 34.12 28.14
C TYR A 5 -19.41 34.27 28.92
N LEU A 6 -19.35 34.35 30.24
CA LEU A 6 -20.55 34.44 31.06
C LEU A 6 -21.13 35.85 31.05
N HIS A 7 -22.43 35.96 30.71
CA HIS A 7 -23.15 37.24 30.72
C HIS A 7 -24.43 37.18 31.56
N GLU A 8 -25.01 38.35 31.85
CA GLU A 8 -26.31 38.42 32.52
C GLU A 8 -27.21 39.41 31.80
N THR A 9 -28.43 39.03 31.50
CA THR A 9 -29.40 39.97 30.89
C THR A 9 -30.76 39.84 31.54
N LEU A 10 -31.60 40.84 31.30
CA LEU A 10 -32.94 40.87 31.87
C LEU A 10 -33.81 40.27 30.81
N VAL A 11 -34.64 39.29 31.19
CA VAL A 11 -35.50 38.57 30.24
C VAL A 11 -36.91 38.62 30.81
N PHE A 12 -37.77 39.42 30.18
CA PHE A 12 -39.07 39.76 30.76
C PHE A 12 -38.84 40.12 32.24
N ASP A 13 -39.51 39.42 33.15
CA ASP A 13 -39.30 39.68 34.56
C ASP A 13 -37.85 39.48 35.07
N ASN A 14 -37.13 38.47 34.61
CA ASN A 14 -36.00 37.93 35.38
C ASN A 14 -34.65 38.20 34.81
N LYS A 15 -33.65 38.31 35.67
CA LYS A 15 -32.25 38.37 35.23
C LYS A 15 -31.75 36.94 35.07
N LEU A 16 -31.27 36.60 33.88
CA LEU A 16 -30.79 35.26 33.58
C LEU A 16 -29.33 35.38 33.14
N SER A 17 -28.49 34.45 33.60
CA SER A 17 -27.15 34.31 33.06
C SER A 17 -27.17 33.42 31.81
N TYR A 18 -26.11 33.53 31.01
CA TYR A 18 -25.99 32.77 29.78
C TYR A 18 -24.53 32.80 29.36
N ILE A 19 -24.12 31.77 28.62
CA ILE A 19 -22.82 31.75 27.97
C ILE A 19 -23.05 32.20 26.54
N ASP A 20 -22.09 32.95 26.04
CA ASP A 20 -22.05 33.35 24.66
C ASP A 20 -20.60 33.67 24.38
N ASN A 21 -19.97 32.89 23.51
CA ASN A 21 -18.58 33.17 23.15
C ASN A 21 -18.47 34.31 22.14
N GLN A 22 -19.62 34.81 21.66
CA GLN A 22 -19.69 35.86 20.66
C GLN A 22 -18.82 35.62 19.42
N ARG A 23 -18.46 34.37 19.12
CA ARG A 23 -17.64 34.07 17.94
C ARG A 23 -18.31 34.63 16.68
N ASP A 24 -17.53 35.34 15.85
CA ASP A 24 -18.04 35.84 14.57
C ASP A 24 -17.78 34.83 13.46
N THR A 25 -18.76 33.97 13.22
CA THR A 25 -18.58 32.87 12.27
C THR A 25 -19.87 32.59 11.53
N ASP A 26 -19.76 31.70 10.53
CA ASP A 26 -20.91 31.16 9.80
C ASP A 26 -21.83 30.38 10.76
N GLY A 27 -23.14 30.51 10.50
CA GLY A 27 -24.15 29.82 11.26
C GLY A 27 -24.18 28.37 10.85
N PRO A 28 -25.01 27.55 11.55
CA PRO A 28 -25.88 27.98 12.65
C PRO A 28 -25.17 28.17 13.98
N ALA A 29 -25.81 28.90 14.89
CA ALA A 29 -25.36 28.98 16.26
C ALA A 29 -25.68 27.62 16.92
N ILE A 30 -24.87 27.25 17.91
CA ILE A 30 -25.16 26.07 18.73
C ILE A 30 -25.70 26.47 20.10
N LEU A 31 -26.97 26.16 20.28
CA LEU A 31 -27.64 26.45 21.53
C LEU A 31 -27.55 25.20 22.43
N LEU A 32 -26.68 25.23 23.42
CA LEU A 32 -26.57 24.13 24.40
C LEU A 32 -27.58 24.38 25.53
N LEU A 33 -28.52 23.44 25.71
CA LEU A 33 -29.62 23.55 26.68
C LEU A 33 -29.47 22.67 27.95
N PRO A 34 -29.31 23.31 29.14
CA PRO A 34 -29.15 22.53 30.35
C PRO A 34 -30.44 21.86 30.72
N GLY A 35 -30.35 20.76 31.46
CA GLY A 35 -31.52 20.13 32.07
C GLY A 35 -31.91 20.88 33.32
N TRP A 36 -32.74 20.25 34.16
CA TRP A 36 -33.17 20.85 35.45
C TRP A 36 -32.10 20.84 36.54
N CYS A 37 -32.05 21.95 37.32
CA CYS A 37 -31.21 22.09 38.48
C CYS A 37 -29.73 21.92 38.27
N HIS A 38 -29.27 22.25 37.07
CA HIS A 38 -27.90 22.56 36.87
C HIS A 38 -27.82 23.65 35.81
N ASP A 39 -26.60 24.07 35.48
CA ASP A 39 -26.38 25.25 34.64
C ASP A 39 -25.28 24.99 33.64
N HIS A 40 -24.85 26.07 32.98
CA HIS A 40 -23.79 26.03 31.99
C HIS A 40 -22.53 25.29 32.36
N ARG A 41 -22.20 25.14 33.63
CA ARG A 41 -20.97 24.40 34.00
C ARG A 41 -20.90 22.92 33.48
N VAL A 42 -22.07 22.29 33.27
CA VAL A 42 -22.17 20.94 32.70
C VAL A 42 -21.63 20.85 31.25
N TYR A 43 -21.62 22.00 30.59
CA TYR A 43 -21.18 22.07 29.24
C TYR A 43 -19.78 22.59 29.11
N LYS A 44 -19.03 22.80 30.17
CA LYS A 44 -17.73 23.53 30.01
C LYS A 44 -16.69 22.83 29.10
N TYR A 45 -16.68 21.50 29.09
CA TYR A 45 -15.80 20.73 28.19
C TYR A 45 -16.33 20.72 26.75
N LEU A 46 -17.65 20.63 26.65
CA LEU A 46 -18.26 20.65 25.34
C LEU A 46 -17.97 21.99 24.67
N ILE A 47 -18.17 23.09 25.42
CA ILE A 47 -17.87 24.44 24.91
C ILE A 47 -16.46 24.51 24.34
N GLN A 48 -15.49 23.98 25.06
CA GLN A 48 -14.11 23.92 24.61
C GLN A 48 -13.96 23.28 23.24
N GLU A 49 -14.58 22.11 23.05
CA GLU A 49 -14.49 21.38 21.77
C GLU A 49 -15.03 22.20 20.61
N LEU A 50 -16.05 23.01 20.88
CA LEU A 50 -16.78 23.69 19.80
C LEU A 50 -16.35 25.15 19.62
N ASP A 51 -15.65 25.69 20.61
CA ASP A 51 -15.41 27.14 20.80
C ASP A 51 -14.87 27.86 19.55
N ALA A 52 -13.86 27.29 18.94
CA ALA A 52 -13.22 27.86 17.76
C ALA A 52 -14.20 28.13 16.61
N ASP A 53 -14.97 27.11 16.22
CA ASP A 53 -15.60 27.07 14.89
C ASP A 53 -17.09 27.43 14.89
N PHE A 54 -17.64 27.59 16.08
CA PHE A 54 -19.06 27.92 16.21
C PHE A 54 -19.24 28.98 17.25
N ARG A 55 -20.32 29.73 17.08
CA ARG A 55 -20.83 30.54 18.14
C ARG A 55 -21.62 29.61 19.05
N VAL A 56 -21.40 29.70 20.37
CA VAL A 56 -21.96 28.78 21.37
C VAL A 56 -22.73 29.59 22.44
N ILE A 57 -24.04 29.39 22.53
CA ILE A 57 -24.89 30.06 23.52
C ILE A 57 -25.44 28.99 24.49
N VAL A 58 -25.43 29.31 25.79
CA VAL A 58 -25.98 28.43 26.82
C VAL A 58 -26.89 29.21 27.78
N PRO A 59 -28.20 29.13 27.62
CA PRO A 59 -29.01 29.89 28.59
C PRO A 59 -29.17 29.16 29.93
N ASN A 60 -29.17 29.91 31.03
CA ASN A 60 -29.54 29.35 32.31
C ASN A 60 -30.95 29.66 32.63
N TRP A 61 -31.70 28.66 33.08
CA TRP A 61 -33.08 28.83 33.39
C TRP A 61 -33.29 29.73 34.62
N ARG A 62 -34.56 30.13 34.85
CA ARG A 62 -34.92 30.98 35.98
C ARG A 62 -34.57 30.27 37.28
N GLY A 63 -33.84 30.97 38.14
CA GLY A 63 -33.42 30.44 39.42
C GLY A 63 -32.18 29.58 39.32
N HIS A 64 -31.57 29.52 38.14
CA HIS A 64 -30.41 28.66 37.87
C HIS A 64 -29.20 29.55 37.67
N GLY A 65 -28.04 29.06 38.07
CA GLY A 65 -26.80 29.78 37.84
C GLY A 65 -25.84 29.58 38.98
N LEU A 66 -24.70 30.28 38.90
CA LEU A 66 -23.67 30.23 39.92
C LEU A 66 -24.27 30.54 41.30
N SER A 67 -25.34 31.33 41.28
CA SER A 67 -26.09 31.69 42.49
C SER A 67 -27.57 31.38 42.29
N PRO A 68 -27.98 30.13 42.56
CA PRO A 68 -29.41 29.75 42.44
C PRO A 68 -30.34 30.58 43.31
N SER A 69 -31.54 30.87 42.84
CA SER A 69 -32.47 31.54 43.72
C SER A 69 -33.89 31.04 43.53
N GLU A 70 -34.73 31.20 44.56
CA GLU A 70 -36.16 30.87 44.45
C GLU A 70 -36.82 31.83 43.45
N VAL A 71 -37.72 31.29 42.65
CA VAL A 71 -38.41 32.07 41.65
C VAL A 71 -39.81 31.52 41.63
N PRO A 72 -40.74 32.26 41.04
CA PRO A 72 -42.09 31.71 40.88
C PRO A 72 -42.14 30.45 39.96
N ASP A 73 -43.20 29.69 40.08
CA ASP A 73 -43.33 28.44 39.37
C ASP A 73 -43.43 28.70 37.91
N PHE A 74 -42.80 27.82 37.12
CA PHE A 74 -42.75 27.91 35.66
C PHE A 74 -42.37 26.51 35.16
N GLY A 75 -42.55 26.30 33.86
CA GLY A 75 -42.27 25.01 33.23
C GLY A 75 -41.49 25.16 31.95
N TYR A 76 -41.56 24.13 31.10
CA TYR A 76 -40.76 24.16 29.87
C TYR A 76 -41.25 25.19 28.83
N GLN A 77 -42.55 25.47 28.77
CA GLN A 77 -43.01 26.48 27.83
C GLN A 77 -42.33 27.81 28.07
N GLU A 78 -42.13 28.14 29.34
CA GLU A 78 -41.42 29.33 29.76
C GLU A 78 -39.94 29.27 29.46
N GLN A 79 -39.33 28.11 29.70
CA GLN A 79 -37.93 27.92 29.33
C GLN A 79 -37.73 28.21 27.85
N VAL A 80 -38.68 27.75 27.02
CA VAL A 80 -38.64 28.01 25.55
C VAL A 80 -38.72 29.51 25.22
N LYS A 81 -39.66 30.22 25.84
CA LYS A 81 -39.76 31.69 25.60
C LYS A 81 -38.51 32.41 26.05
N ASP A 82 -37.96 31.98 27.17
CA ASP A 82 -36.71 32.59 27.66
C ASP A 82 -35.61 32.40 26.64
N ALA A 83 -35.45 31.16 26.16
CA ALA A 83 -34.38 30.84 25.25
C ALA A 83 -34.51 31.70 23.97
N LEU A 84 -35.72 31.83 23.45
CA LEU A 84 -35.94 32.60 22.20
C LEU A 84 -35.68 34.09 22.40
N GLU A 85 -36.05 34.58 23.58
CA GLU A 85 -35.83 35.99 23.91
C GLU A 85 -34.37 36.28 24.03
N ILE A 86 -33.58 35.33 24.54
CA ILE A 86 -32.14 35.53 24.59
C ILE A 86 -31.56 35.50 23.20
N LEU A 87 -32.17 34.70 22.33
CA LEU A 87 -31.71 34.60 20.95
C LEU A 87 -32.02 35.90 20.14
N ASP A 88 -33.20 36.47 20.38
CA ASP A 88 -33.59 37.76 19.80
C ASP A 88 -32.60 38.86 20.21
N GLN A 89 -32.53 39.15 21.50
CA GLN A 89 -31.50 40.05 22.02
C GLN A 89 -30.12 39.83 21.36
N LEU A 90 -29.71 38.59 21.14
CA LEU A 90 -28.39 38.34 20.55
C LEU A 90 -28.35 38.49 19.02
N GLY A 91 -29.51 38.71 18.40
CA GLY A 91 -29.58 38.77 16.94
C GLY A 91 -29.26 37.44 16.29
N VAL A 92 -29.46 36.32 17.02
CA VAL A 92 -29.21 34.99 16.44
C VAL A 92 -30.45 34.54 15.67
N GLU A 93 -30.26 34.15 14.41
CA GLU A 93 -31.35 33.74 13.55
C GLU A 93 -31.54 32.21 13.47
N THR A 94 -30.52 31.53 12.98
CA THR A 94 -30.53 30.10 12.82
C THR A 94 -29.70 29.48 13.96
N PHE A 95 -30.26 28.44 14.59
CA PHE A 95 -29.58 27.72 15.65
C PHE A 95 -29.81 26.22 15.57
N LEU A 96 -28.78 25.46 15.99
CA LEU A 96 -28.87 24.02 16.27
C LEU A 96 -28.93 23.84 17.80
N PRO A 97 -30.10 23.44 18.34
CA PRO A 97 -30.19 23.17 19.76
C PRO A 97 -29.69 21.77 20.10
N VAL A 98 -29.04 21.69 21.26
CA VAL A 98 -28.48 20.48 21.81
C VAL A 98 -28.86 20.43 23.30
N SER A 99 -29.73 19.48 23.69
CA SER A 99 -30.22 19.37 25.07
C SER A 99 -29.58 18.24 25.90
N HIS A 100 -29.65 18.41 27.22
CA HIS A 100 -29.26 17.39 28.14
C HIS A 100 -30.46 16.94 28.89
N SER A 101 -30.60 15.63 28.93
CA SER A 101 -31.71 14.98 29.61
C SER A 101 -33.03 15.72 29.38
N HIS A 102 -33.69 16.14 30.46
CA HIS A 102 -35.01 16.76 30.46
C HIS A 102 -35.08 18.23 29.99
N GLY A 103 -33.93 18.81 29.67
CA GLY A 103 -33.82 19.94 28.79
C GLY A 103 -34.46 19.64 27.42
N GLY A 104 -34.68 18.37 27.11
CA GLY A 104 -35.23 17.95 25.83
C GLY A 104 -36.63 18.43 25.56
N TRP A 105 -37.42 18.56 26.60
CA TRP A 105 -38.76 19.03 26.49
C TRP A 105 -38.69 20.47 25.97
N VAL A 106 -37.73 21.24 26.44
CA VAL A 106 -37.47 22.58 25.92
C VAL A 106 -37.09 22.50 24.48
N LEU A 107 -36.17 21.59 24.16
CA LEU A 107 -35.67 21.49 22.78
C LEU A 107 -36.79 21.17 21.75
N VAL A 108 -37.67 20.25 22.08
CA VAL A 108 -38.71 19.79 21.13
C VAL A 108 -39.78 20.87 20.93
N GLU A 109 -40.15 21.56 22.02
CA GLU A 109 -41.08 22.72 21.93
C GLU A 109 -40.45 23.94 21.27
N LEU A 110 -39.12 24.09 21.41
CA LEU A 110 -38.36 25.10 20.69
C LEU A 110 -38.36 24.80 19.18
N LEU A 111 -38.15 23.54 18.82
CA LEU A 111 -38.22 23.18 17.40
C LEU A 111 -39.59 23.58 16.86
N GLU A 112 -40.67 23.28 17.59
CA GLU A 112 -42.04 23.53 17.15
C GLU A 112 -42.29 25.02 16.95
N GLN A 113 -42.03 25.79 18.01
CA GLN A 113 -42.31 27.22 18.02
C GLN A 113 -41.40 27.99 17.07
N ALA A 114 -40.11 27.66 17.04
CA ALA A 114 -39.19 28.36 16.13
C ALA A 114 -39.24 27.82 14.68
N GLY A 115 -39.75 26.60 14.49
CA GLY A 115 -39.82 26.04 13.13
C GLY A 115 -38.51 25.74 12.37
N PRO A 116 -38.62 25.05 11.23
CA PRO A 116 -37.48 24.36 10.62
C PRO A 116 -36.50 25.21 9.85
N GLU A 117 -36.84 26.47 9.61
CA GLU A 117 -35.90 27.36 8.90
C GLU A 117 -34.94 27.89 9.89
N ARG A 118 -35.46 28.39 11.01
CA ARG A 118 -34.67 28.79 12.17
C ARG A 118 -33.91 27.66 12.90
N ALA A 119 -34.65 26.56 13.18
CA ALA A 119 -34.15 25.40 13.92
C ALA A 119 -34.42 24.12 13.09
N PRO A 120 -33.55 23.83 12.11
CA PRO A 120 -33.79 22.74 11.11
C PRO A 120 -33.52 21.32 11.63
N ARG A 121 -32.74 21.25 12.71
CA ARG A 121 -32.34 20.00 13.35
C ARG A 121 -32.23 20.17 14.84
N GLY A 122 -32.06 19.03 15.53
CA GLY A 122 -31.87 19.01 16.99
C GLY A 122 -31.07 17.80 17.38
N ILE A 123 -30.26 17.91 18.44
CA ILE A 123 -29.58 16.80 19.09
C ILE A 123 -30.03 16.72 20.54
N ILE A 124 -30.48 15.54 20.94
CA ILE A 124 -30.90 15.28 22.32
C ILE A 124 -29.91 14.32 22.91
N MET A 125 -29.40 14.68 24.08
CA MET A 125 -28.44 13.84 24.80
C MET A 125 -29.11 13.20 25.98
N ASP A 126 -28.87 11.91 26.13
CA ASP A 126 -29.26 11.09 27.29
C ASP A 126 -30.59 11.44 27.95
N TRP A 127 -31.67 11.18 27.22
CA TRP A 127 -33.02 11.54 27.64
C TRP A 127 -33.92 10.32 27.63
N LEU A 128 -34.46 9.96 28.80
CA LEU A 128 -35.21 8.69 28.94
C LEU A 128 -36.42 8.64 28.00
N MET A 129 -36.26 7.90 26.90
CA MET A 129 -37.20 7.92 25.75
C MET A 129 -38.55 7.31 26.04
N TRP A 130 -38.59 6.36 26.97
CA TRP A 130 -39.82 5.67 27.35
C TRP A 130 -40.48 6.39 28.54
N ALA A 131 -41.76 6.05 28.80
CA ALA A 131 -42.50 6.52 29.97
C ALA A 131 -41.81 6.03 31.25
N PRO A 132 -41.92 6.82 32.32
CA PRO A 132 -41.18 6.43 33.53
C PRO A 132 -41.42 4.98 33.96
N LYS A 133 -40.33 4.26 34.17
CA LYS A 133 -40.37 2.94 34.84
C LYS A 133 -40.52 3.17 36.34
N PRO A 134 -40.85 2.11 37.11
CA PRO A 134 -41.16 2.37 38.52
C PRO A 134 -40.07 3.13 39.30
N ASP A 135 -38.80 2.78 39.09
CA ASP A 135 -37.73 3.41 39.87
C ASP A 135 -37.58 4.93 39.63
N PHE A 136 -37.69 5.33 38.38
CA PHE A 136 -37.67 6.75 38.03
C PHE A 136 -38.95 7.46 38.52
N ALA A 137 -40.10 6.81 38.33
CA ALA A 137 -41.39 7.36 38.83
C ALA A 137 -41.24 7.61 40.34
N LYS A 138 -40.59 6.68 41.02
CA LYS A 138 -40.36 6.86 42.45
C LYS A 138 -39.47 8.08 42.75
N SER A 139 -38.39 8.23 41.96
CA SER A 139 -37.45 9.34 42.18
C SER A 139 -38.18 10.67 42.05
N LEU A 140 -39.03 10.77 41.04
CA LEU A 140 -39.81 11.96 40.85
C LEU A 140 -40.67 12.18 42.12
N THR A 141 -41.33 11.11 42.60
CA THR A 141 -42.17 11.15 43.82
C THR A 141 -41.42 11.76 44.99
N LEU A 142 -40.19 11.31 45.17
CA LEU A 142 -39.32 11.81 46.22
C LEU A 142 -38.86 13.27 46.01
N LEU A 143 -38.59 13.67 44.77
CA LEU A 143 -38.13 15.03 44.54
C LEU A 143 -39.25 16.02 44.93
N LYS A 144 -40.50 15.60 44.74
CA LYS A 144 -41.65 16.52 44.95
C LYS A 144 -41.96 16.70 46.44
N ASP A 145 -41.41 15.81 47.27
CA ASP A 145 -41.71 15.75 48.69
C ASP A 145 -40.71 16.54 49.55
N PRO A 146 -41.17 17.57 50.25
CA PRO A 146 -40.22 18.48 50.93
C PRO A 146 -39.45 17.80 52.08
N GLU A 147 -39.91 16.62 52.47
CA GLU A 147 -39.26 15.82 53.50
C GLU A 147 -38.17 14.87 52.98
N ARG A 148 -38.17 14.60 51.68
CA ARG A 148 -37.36 13.55 51.12
C ARG A 148 -36.69 13.93 49.81
N TRP A 149 -36.69 15.22 49.45
CA TRP A 149 -36.14 15.59 48.15
C TRP A 149 -34.63 15.27 48.00
N ARG A 150 -33.87 15.45 49.08
CA ARG A 150 -32.44 15.28 49.00
C ARG A 150 -32.12 13.79 48.83
N GLU A 151 -32.90 12.95 49.49
CA GLU A 151 -32.86 11.53 49.32
C GLU A 151 -33.16 11.26 47.87
N GLY A 152 -34.16 11.96 47.32
CA GLY A 152 -34.52 11.88 45.89
C GLY A 152 -33.35 12.07 44.95
N THR A 153 -32.58 13.14 45.19
CA THR A 153 -31.42 13.49 44.37
C THR A 153 -30.31 12.50 44.50
N HIS A 154 -30.13 11.94 45.70
CA HIS A 154 -29.06 10.97 45.95
C HIS A 154 -29.24 9.67 45.21
N GLY A 155 -30.49 9.22 45.10
CA GLY A 155 -30.85 8.07 44.30
C GLY A 155 -30.65 8.28 42.80
N LEU A 156 -30.95 9.47 42.31
CA LEU A 156 -30.64 9.85 40.95
C LEU A 156 -29.14 9.91 40.71
N PHE A 157 -28.39 10.47 41.64
CA PHE A 157 -26.93 10.50 41.46
C PHE A 157 -26.37 9.08 41.37
N ASP A 158 -26.90 8.18 42.19
CA ASP A 158 -26.53 6.78 42.06
C ASP A 158 -26.75 6.24 40.67
N VAL A 159 -27.96 6.40 40.13
CA VAL A 159 -28.28 5.90 38.79
C VAL A 159 -27.37 6.56 37.76
N TRP A 160 -27.15 7.85 37.92
CA TRP A 160 -26.40 8.57 36.95
C TRP A 160 -24.92 8.23 36.86
N LEU A 161 -24.31 7.90 37.99
CA LEU A 161 -22.89 7.57 38.02
C LEU A 161 -22.69 6.12 37.68
N ASP A 162 -23.75 5.32 37.88
CA ASP A 162 -23.84 3.92 37.45
C ASP A 162 -22.68 3.04 37.93
N GLY A 163 -22.23 3.27 39.16
CA GLY A 163 -21.19 2.47 39.78
C GLY A 163 -19.78 2.87 39.37
N HIS A 164 -19.66 4.02 38.70
CA HIS A 164 -18.36 4.56 38.29
C HIS A 164 -17.80 5.65 39.23
N ASP A 165 -16.48 5.57 39.50
CA ASP A 165 -15.77 6.64 40.20
C ASP A 165 -15.31 7.70 39.19
N GLU A 166 -16.29 8.30 38.52
CA GLU A 166 -16.01 9.24 37.43
C GLU A 166 -15.85 10.64 38.04
N LYS A 167 -14.60 11.04 38.17
CA LYS A 167 -14.17 12.23 38.86
C LYS A 167 -14.86 13.56 38.44
N ARG A 168 -15.00 13.78 37.13
CA ARG A 168 -15.64 14.97 36.58
C ARG A 168 -17.12 15.02 36.83
N VAL A 169 -17.79 13.87 36.63
CA VAL A 169 -19.24 13.79 36.82
C VAL A 169 -19.58 13.96 38.32
N ARG A 170 -18.79 13.31 39.19
CA ARG A 170 -18.97 13.45 40.64
C ARG A 170 -18.85 14.94 41.01
N HIS A 171 -17.77 15.61 40.52
CA HIS A 171 -17.57 17.06 40.73
C HIS A 171 -18.80 17.89 40.33
N HIS A 172 -19.38 17.59 39.16
CA HIS A 172 -20.61 18.26 38.72
C HIS A 172 -21.77 18.05 39.69
N LEU A 173 -21.98 16.80 40.12
CA LEU A 173 -23.13 16.48 40.97
C LEU A 173 -22.99 17.03 42.41
N LEU A 174 -21.77 16.93 42.96
CA LEU A 174 -21.56 17.11 44.39
C LEU A 174 -21.18 18.52 44.71
N GLU A 175 -20.61 19.21 43.73
CA GLU A 175 -20.09 20.56 43.90
C GLU A 175 -20.94 21.54 43.10
N GLU A 176 -21.08 21.30 41.80
CA GLU A 176 -21.68 22.28 40.91
C GLU A 176 -23.19 22.31 41.01
N MET A 177 -23.79 21.27 41.59
CA MET A 177 -25.24 21.28 41.80
C MET A 177 -25.58 21.46 43.28
N ALA A 178 -24.58 21.61 44.14
CA ALA A 178 -24.78 21.52 45.61
C ALA A 178 -25.61 22.69 46.16
N ASP A 179 -25.57 23.81 45.45
CA ASP A 179 -26.37 25.00 45.80
C ASP A 179 -27.80 25.00 45.35
N TYR A 180 -28.27 23.96 44.67
CA TYR A 180 -29.66 23.92 44.23
C TYR A 180 -30.54 23.24 45.27
N GLY A 181 -31.66 23.85 45.62
CA GLY A 181 -32.48 23.36 46.72
C GLY A 181 -33.81 22.83 46.26
N TYR A 182 -34.68 22.58 47.22
CA TYR A 182 -36.01 22.09 46.96
C TYR A 182 -36.89 22.90 46.00
N ASP A 183 -36.67 24.22 45.90
CA ASP A 183 -37.47 25.04 44.99
C ASP A 183 -37.21 24.59 43.54
N CYS A 184 -35.97 24.23 43.23
CA CYS A 184 -35.66 23.71 41.91
C CYS A 184 -36.08 22.25 41.78
N TRP A 185 -35.60 21.40 42.70
CA TRP A 185 -35.73 19.94 42.55
C TRP A 185 -37.19 19.54 42.57
N GLY A 186 -37.97 20.16 43.45
CA GLY A 186 -39.42 19.88 43.51
C GLY A 186 -40.17 20.26 42.24
N ARG A 187 -39.75 21.38 41.67
CA ARG A 187 -40.24 21.87 40.41
C ARG A 187 -39.89 20.92 39.24
N SER A 188 -38.64 20.45 39.22
CA SER A 188 -38.15 19.56 38.18
C SER A 188 -39.02 18.32 38.18
N GLY A 189 -39.33 17.86 39.39
CA GLY A 189 -40.19 16.74 39.63
C GLY A 189 -41.58 16.88 39.10
N ARG A 190 -42.22 18.03 39.35
CA ARG A 190 -43.60 18.23 38.91
C ARG A 190 -43.59 18.51 37.41
N VAL A 191 -42.67 19.35 36.93
CA VAL A 191 -42.64 19.64 35.49
C VAL A 191 -42.42 18.37 34.63
N ILE A 192 -41.47 17.51 35.02
CA ILE A 192 -41.13 16.30 34.24
C ILE A 192 -42.31 15.31 34.30
N GLU A 193 -42.81 15.09 35.50
CA GLU A 193 -43.95 14.22 35.67
C GLU A 193 -45.14 14.72 34.89
N ASP A 194 -45.38 16.02 34.94
CA ASP A 194 -46.41 16.62 34.12
C ASP A 194 -46.14 16.46 32.62
N ALA A 195 -44.89 16.68 32.18
CA ALA A 195 -44.50 16.53 30.76
C ALA A 195 -44.76 15.10 30.18
N TYR A 196 -44.32 14.05 30.87
CA TYR A 196 -44.68 12.70 30.42
C TYR A 196 -46.22 12.55 30.40
N GLY A 197 -46.87 12.91 31.50
CA GLY A 197 -48.32 12.76 31.60
C GLY A 197 -49.03 13.37 30.41
N ARG A 198 -48.67 14.59 30.06
CA ARG A 198 -49.40 15.29 29.01
C ARG A 198 -48.89 15.13 27.58
N ASN A 199 -47.67 14.63 27.39
CA ASN A 199 -47.16 14.36 26.03
C ASN A 199 -46.89 12.88 25.80
N GLY A 200 -47.11 12.04 26.82
CA GLY A 200 -46.89 10.60 26.70
C GLY A 200 -45.46 10.27 26.98
N SER A 201 -44.56 10.71 26.09
CA SER A 201 -43.12 10.42 26.15
C SER A 201 -42.38 11.38 25.21
N PRO A 202 -41.05 11.46 25.31
CA PRO A 202 -40.28 12.24 24.38
C PRO A 202 -40.51 11.86 22.89
N MET A 203 -40.66 10.57 22.64
CA MET A 203 -40.85 10.05 21.28
C MET A 203 -42.23 10.43 20.72
N GLN A 204 -43.26 10.30 21.57
CA GLN A 204 -44.63 10.75 21.23
C GLN A 204 -44.64 12.25 20.91
N MET A 205 -43.96 13.01 21.76
CA MET A 205 -43.85 14.45 21.54
C MET A 205 -43.14 14.75 20.24
N MET A 206 -42.04 14.07 19.94
CA MET A 206 -41.28 14.35 18.72
C MET A 206 -42.02 13.99 17.41
N ALA A 207 -42.60 12.79 17.39
CA ALA A 207 -43.46 12.29 16.32
C ALA A 207 -44.62 13.24 16.04
N ASN A 208 -45.12 13.91 17.09
CA ASN A 208 -46.25 14.83 16.97
C ASN A 208 -45.90 16.25 16.49
N LEU A 209 -44.65 16.48 16.07
CA LEU A 209 -44.24 17.83 15.65
C LEU A 209 -44.95 18.15 14.35
N THR A 210 -45.47 19.38 14.23
CA THR A 210 -46.06 19.87 12.96
C THR A 210 -45.15 19.75 11.75
N LYS A 211 -43.87 20.04 11.98
CA LYS A 211 -42.84 19.87 10.96
C LYS A 211 -41.68 19.01 11.46
N THR A 212 -41.75 17.71 11.19
CA THR A 212 -40.72 16.77 11.65
C THR A 212 -39.46 17.10 10.87
N ARG A 213 -38.33 16.83 11.48
CA ARG A 213 -37.01 17.16 10.93
C ARG A 213 -35.94 16.30 11.64
N PRO A 214 -34.70 16.28 11.11
CA PRO A 214 -33.63 15.44 11.65
C PRO A 214 -33.34 15.61 13.15
N ILE A 215 -33.61 14.57 13.95
CA ILE A 215 -33.27 14.63 15.35
C ILE A 215 -32.42 13.42 15.64
N ARG A 216 -31.27 13.59 16.29
CA ARG A 216 -30.48 12.44 16.76
C ARG A 216 -30.48 12.32 18.32
N HIS A 217 -30.74 11.12 18.83
CA HIS A 217 -30.56 10.82 20.29
C HIS A 217 -29.18 10.24 20.56
N ILE A 218 -28.31 10.96 21.25
CA ILE A 218 -26.99 10.43 21.56
C ILE A 218 -26.93 10.18 23.07
N PHE A 219 -26.62 8.94 23.45
CA PHE A 219 -26.75 8.50 24.86
C PHE A 219 -25.75 7.41 25.26
N SER A 220 -25.55 7.31 26.56
CA SER A 220 -24.74 6.25 27.14
C SER A 220 -25.57 5.35 28.06
N GLN A 221 -26.61 5.88 28.68
CA GLN A 221 -27.45 5.05 29.52
C GLN A 221 -28.90 5.38 29.20
N PRO A 222 -29.84 4.47 29.52
CA PRO A 222 -29.66 3.12 30.05
C PRO A 222 -28.85 2.23 29.12
N THR A 223 -28.09 1.30 29.70
CA THR A 223 -27.10 0.50 28.98
C THR A 223 -27.71 -0.77 28.42
N GLU A 224 -28.95 -1.09 28.79
CA GLU A 224 -29.54 -2.36 28.46
C GLU A 224 -30.01 -2.46 27.01
N PRO A 225 -29.97 -3.69 26.46
CA PRO A 225 -30.43 -3.88 25.09
C PRO A 225 -31.90 -3.54 24.84
N GLU A 226 -32.77 -3.66 25.83
CA GLU A 226 -34.18 -3.29 25.61
C GLU A 226 -34.29 -1.77 25.35
N TYR A 227 -33.34 -0.98 25.85
CA TYR A 227 -33.40 0.44 25.63
C TYR A 227 -32.88 0.76 24.21
N GLU A 228 -31.77 0.19 23.82
CA GLU A 228 -31.35 0.37 22.46
C GLU A 228 -32.48 0.01 21.44
N LYS A 229 -33.22 -1.04 21.75
CA LYS A 229 -34.30 -1.50 20.90
C LYS A 229 -35.46 -0.52 20.73
N ILE A 230 -35.88 0.18 21.78
CA ILE A 230 -36.89 1.21 21.55
C ILE A 230 -36.28 2.30 20.64
N ASN A 231 -34.98 2.58 20.78
CA ASN A 231 -34.37 3.59 19.92
C ASN A 231 -34.25 3.07 18.49
N SER A 232 -33.88 1.80 18.30
CA SER A 232 -33.79 1.26 16.92
C SER A 232 -35.16 1.14 16.26
N ASP A 233 -36.18 0.76 17.02
CA ASP A 233 -37.52 0.66 16.50
C ASP A 233 -38.15 2.01 16.13
N PHE A 234 -37.95 3.02 16.97
CA PHE A 234 -38.36 4.36 16.61
C PHE A 234 -37.66 4.82 15.33
N ALA A 235 -36.38 4.52 15.18
CA ALA A 235 -35.60 4.96 14.03
C ALA A 235 -35.97 4.21 12.74
N GLU A 236 -36.40 2.96 12.87
CA GLU A 236 -36.93 2.20 11.74
C GLU A 236 -38.24 2.85 11.23
N GLN A 237 -39.08 3.23 12.18
CA GLN A 237 -40.36 3.83 11.89
C GLN A 237 -40.32 5.26 11.40
N HIS A 238 -39.20 5.98 11.65
CA HIS A 238 -39.09 7.42 11.40
C HIS A 238 -37.80 7.81 10.71
N PRO A 239 -37.87 8.19 9.43
CA PRO A 239 -36.68 8.52 8.65
C PRO A 239 -35.85 9.64 9.27
N TRP A 240 -36.53 10.56 9.94
CA TRP A 240 -35.87 11.77 10.47
C TRP A 240 -35.21 11.50 11.83
N PHE A 241 -35.44 10.32 12.39
CA PHE A 241 -34.82 10.00 13.67
C PHE A 241 -33.62 9.08 13.49
N SER A 242 -32.53 9.45 14.15
CA SER A 242 -31.37 8.57 14.36
C SER A 242 -30.89 8.55 15.83
N TYR A 243 -30.05 7.56 16.18
CA TYR A 243 -29.38 7.55 17.46
C TYR A 243 -27.94 7.05 17.36
N ALA A 244 -27.16 7.37 18.38
CA ALA A 244 -25.84 6.79 18.55
C ALA A 244 -25.59 6.53 20.04
N LYS A 245 -25.20 5.28 20.32
CA LYS A 245 -24.85 4.88 21.64
C LYS A 245 -23.38 5.17 21.82
N LEU A 246 -23.09 6.04 22.76
CA LEU A 246 -21.76 6.63 22.89
C LEU A 246 -20.86 5.81 23.79
N GLY A 247 -21.44 4.98 24.64
CA GLY A 247 -20.65 4.08 25.46
C GLY A 247 -19.81 4.73 26.54
N GLY A 248 -20.17 5.92 26.99
CA GLY A 248 -19.48 6.56 28.09
C GLY A 248 -19.96 5.95 29.39
N PRO A 249 -19.30 6.30 30.51
CA PRO A 249 -19.67 5.70 31.80
C PRO A 249 -20.97 6.23 32.45
N THR A 250 -21.32 7.50 32.22
CA THR A 250 -22.42 8.16 32.97
C THR A 250 -23.55 8.76 32.12
N HIS A 251 -24.61 9.16 32.82
CA HIS A 251 -25.71 9.99 32.32
C HIS A 251 -25.24 11.33 31.72
N PHE A 252 -23.98 11.72 31.88
CA PHE A 252 -23.50 13.01 31.34
C PHE A 252 -22.41 12.88 30.26
N PRO A 253 -22.81 12.47 29.01
CA PRO A 253 -21.84 12.46 27.89
C PRO A 253 -21.17 13.81 27.62
N ALA A 254 -21.87 14.92 27.81
CA ALA A 254 -21.30 16.28 27.62
C ALA A 254 -20.05 16.46 28.47
N ILE A 255 -20.00 15.79 29.64
CA ILE A 255 -18.86 15.83 30.55
C ILE A 255 -17.89 14.69 30.27
N ASP A 256 -18.38 13.46 30.18
CA ASP A 256 -17.44 12.31 30.19
C ASP A 256 -17.01 11.79 28.81
N VAL A 257 -17.73 12.16 27.72
CA VAL A 257 -17.18 11.94 26.36
C VAL A 257 -17.43 13.16 25.47
N PRO A 258 -16.82 14.29 25.82
CA PRO A 258 -17.16 15.53 25.16
C PRO A 258 -16.75 15.56 23.70
N ASP A 259 -15.65 14.89 23.36
CA ASP A 259 -15.21 14.76 21.99
C ASP A 259 -16.26 14.07 21.14
N ARG A 260 -16.87 13.02 21.70
CA ARG A 260 -17.85 12.26 20.93
C ARG A 260 -19.14 13.01 20.66
N ALA A 261 -19.63 13.71 21.69
CA ALA A 261 -20.82 14.56 21.57
C ALA A 261 -20.58 15.66 20.53
N ALA A 262 -19.38 16.23 20.59
CA ALA A 262 -18.96 17.27 19.64
C ALA A 262 -19.00 16.81 18.19
N VAL A 263 -18.53 15.60 17.96
CA VAL A 263 -18.48 15.01 16.61
C VAL A 263 -19.88 14.86 15.97
N HIS A 264 -20.89 14.50 16.76
CA HIS A 264 -22.28 14.47 16.29
C HIS A 264 -22.88 15.89 16.11
N ILE A 265 -22.46 16.83 16.97
CA ILE A 265 -22.96 18.18 16.82
C ILE A 265 -22.38 18.73 15.51
N ARG A 266 -21.09 18.56 15.31
CA ARG A 266 -20.46 19.05 14.09
C ARG A 266 -21.15 18.54 12.86
N GLU A 267 -21.47 17.25 12.88
CA GLU A 267 -22.01 16.56 11.71
C GLU A 267 -23.32 17.19 11.30
N PHE A 268 -24.16 17.42 12.30
CA PHE A 268 -25.44 18.09 12.12
C PHE A 268 -25.28 19.58 11.76
N ALA A 269 -24.25 20.26 12.32
CA ALA A 269 -23.92 21.64 11.93
C ALA A 269 -23.56 21.73 10.45
N THR A 270 -22.71 20.79 10.02
CA THR A 270 -22.27 20.75 8.63
C THR A 270 -23.35 20.39 7.62
N ALA A 271 -24.33 19.60 8.05
CA ALA A 271 -25.48 19.29 7.22
C ALA A 271 -26.37 20.52 7.01
N ILE A 272 -26.47 21.38 8.04
CA ILE A 272 -27.19 22.66 7.93
C ILE A 272 -26.47 23.62 6.96
N ARG A 273 -25.14 23.59 6.96
CA ARG A 273 -24.31 24.40 6.06
C ARG A 273 -24.32 24.01 4.56
N GLN A 274 -24.94 22.89 4.22
CA GLN A 274 -25.01 22.43 2.84
C GLN A 274 -26.50 22.27 2.50
N GLY A 275 -27.29 23.26 2.92
CA GLY A 275 -28.72 23.27 2.65
C GLY A 275 -29.45 22.08 3.25
N ASP B 3 30.04 15.84 -52.01
CA ASP B 3 28.67 16.40 -52.09
C ASP B 3 28.65 17.63 -52.98
N THR B 4 29.51 17.60 -53.98
CA THR B 4 29.64 18.71 -54.92
C THR B 4 28.41 18.84 -55.80
N TYR B 5 27.63 17.75 -55.92
CA TYR B 5 26.46 17.78 -56.78
C TYR B 5 25.14 18.00 -56.03
N LEU B 6 25.20 18.07 -54.69
CA LEU B 6 23.98 18.22 -53.91
C LEU B 6 23.48 19.67 -53.92
N HIS B 7 22.21 19.84 -54.32
CA HIS B 7 21.54 21.14 -54.32
C HIS B 7 20.23 21.12 -53.51
N GLU B 8 19.67 22.31 -53.24
CA GLU B 8 18.37 22.45 -52.61
C GLU B 8 17.55 23.52 -53.33
N THR B 9 16.32 23.19 -53.67
CA THR B 9 15.41 24.16 -54.30
C THR B 9 14.02 24.08 -53.69
N LEU B 10 13.24 25.13 -53.96
CA LEU B 10 11.87 25.23 -53.48
C LEU B 10 11.02 24.64 -54.57
N VAL B 11 10.12 23.73 -54.19
CA VAL B 11 9.25 23.01 -55.15
C VAL B 11 7.85 23.13 -54.62
N PHE B 12 7.04 23.98 -55.24
CA PHE B 12 5.76 24.38 -54.64
C PHE B 12 6.00 24.69 -53.13
N ASP B 13 5.25 24.07 -52.24
CA ASP B 13 5.41 24.34 -50.83
C ASP B 13 6.80 24.04 -50.23
N ASN B 14 7.49 23.02 -50.74
CA ASN B 14 8.59 22.43 -49.97
C ASN B 14 9.98 22.61 -50.56
N LYS B 15 10.95 22.72 -49.66
CA LYS B 15 12.37 22.70 -50.04
C LYS B 15 12.82 21.24 -50.21
N LEU B 16 13.27 20.88 -51.40
CA LEU B 16 13.71 19.52 -51.68
C LEU B 16 15.17 19.53 -52.06
N SER B 17 15.94 18.56 -51.56
CA SER B 17 17.30 18.36 -52.08
C SER B 17 17.29 17.48 -53.35
N TYR B 18 18.38 17.55 -54.11
CA TYR B 18 18.49 16.76 -55.32
C TYR B 18 19.97 16.77 -55.76
N ILE B 19 20.37 15.71 -56.45
CA ILE B 19 21.67 15.65 -57.04
C ILE B 19 21.48 16.12 -58.47
N ASP B 20 22.49 16.82 -58.95
CA ASP B 20 22.56 17.20 -60.36
C ASP B 20 24.03 17.44 -60.57
N ASN B 21 24.66 16.62 -61.39
CA ASN B 21 26.06 16.82 -61.75
C ASN B 21 26.26 17.94 -62.80
N GLN B 22 25.14 18.49 -63.30
CA GLN B 22 25.15 19.53 -64.31
C GLN B 22 26.06 19.26 -65.51
N ARG B 23 26.35 17.98 -65.80
CA ARG B 23 27.20 17.66 -66.94
C ARG B 23 26.61 18.24 -68.22
N ASP B 24 27.43 18.93 -69.02
CA ASP B 24 26.99 19.42 -70.32
C ASP B 24 27.23 18.37 -71.41
N THR B 25 26.20 17.55 -71.70
CA THR B 25 26.32 16.45 -72.65
C THR B 25 25.04 16.21 -73.44
N ASP B 26 25.14 15.32 -74.41
CA ASP B 26 23.97 14.85 -75.17
C ASP B 26 22.99 14.13 -74.23
N GLY B 27 21.71 14.29 -74.53
CA GLY B 27 20.66 13.64 -73.80
C GLY B 27 20.57 12.18 -74.17
N PRO B 28 19.69 11.43 -73.49
CA PRO B 28 18.79 11.90 -72.44
C PRO B 28 19.47 12.07 -71.07
N ALA B 29 18.83 12.83 -70.18
CA ALA B 29 19.24 12.92 -68.81
C ALA B 29 18.83 11.63 -68.12
N ILE B 30 19.60 11.21 -67.13
CA ILE B 30 19.24 10.04 -66.35
C ILE B 30 18.70 10.46 -64.98
N LEU B 31 17.42 10.19 -64.80
CA LEU B 31 16.72 10.52 -63.58
C LEU B 31 16.70 9.28 -62.67
N LEU B 32 17.56 9.28 -61.66
CA LEU B 32 17.60 8.21 -60.68
C LEU B 32 16.60 8.53 -59.57
N LEU B 33 15.64 7.59 -59.35
CA LEU B 33 14.52 7.79 -58.45
C LEU B 33 14.53 6.92 -57.20
N PRO B 34 14.73 7.54 -56.02
CA PRO B 34 14.78 6.77 -54.83
C PRO B 34 13.44 6.09 -54.46
N GLY B 35 13.50 5.00 -53.72
CA GLY B 35 12.28 4.45 -53.10
C GLY B 35 11.90 5.24 -51.86
N TRP B 36 11.07 4.64 -51.02
CA TRP B 36 10.63 5.25 -49.77
C TRP B 36 11.68 5.24 -48.67
N CYS B 37 11.67 6.30 -47.86
CA CYS B 37 12.53 6.40 -46.69
C CYS B 37 14.01 6.12 -46.93
N HIS B 38 14.50 6.49 -48.09
CA HIS B 38 15.94 6.73 -48.24
C HIS B 38 16.11 7.81 -49.26
N ASP B 39 17.35 8.15 -49.56
CA ASP B 39 17.66 9.29 -50.41
C ASP B 39 18.81 9.00 -51.40
N HIS B 40 19.29 10.05 -52.09
CA HIS B 40 20.38 9.97 -53.08
C HIS B 40 21.67 9.23 -52.66
N ARG B 41 21.87 9.03 -51.35
CA ARG B 41 23.01 8.23 -50.89
C ARG B 41 23.02 6.77 -51.37
N VAL B 42 21.85 6.20 -51.65
CA VAL B 42 21.69 4.84 -52.25
C VAL B 42 22.23 4.77 -53.69
N TYR B 43 22.38 5.91 -54.32
CA TYR B 43 22.83 5.93 -55.67
C TYR B 43 24.29 6.33 -55.82
N LYS B 44 25.04 6.54 -54.75
CA LYS B 44 26.35 7.18 -54.90
C LYS B 44 27.36 6.39 -55.75
N TYR B 45 27.28 5.05 -55.75
CA TYR B 45 28.14 4.24 -56.59
C TYR B 45 27.65 4.27 -58.02
N LEU B 46 26.34 4.25 -58.20
CA LEU B 46 25.77 4.33 -59.52
C LEU B 46 26.14 5.67 -60.17
N ILE B 47 25.98 6.77 -59.43
CA ILE B 47 26.35 8.08 -59.96
C ILE B 47 27.75 8.04 -60.49
N GLN B 48 28.68 7.46 -59.73
CA GLN B 48 30.09 7.36 -60.17
C GLN B 48 30.30 6.70 -61.54
N GLU B 49 29.57 5.60 -61.77
CA GLU B 49 29.62 4.85 -63.03
C GLU B 49 29.15 5.67 -64.19
N LEU B 50 28.17 6.53 -63.95
CA LEU B 50 27.51 7.25 -65.04
C LEU B 50 28.02 8.68 -65.22
N ASP B 51 28.78 9.18 -64.22
CA ASP B 51 29.06 10.61 -64.04
C ASP B 51 29.63 11.32 -65.23
N ALA B 52 30.66 10.72 -65.83
CA ALA B 52 31.31 11.25 -67.02
C ALA B 52 30.34 11.53 -68.18
N ASP B 53 29.55 10.54 -68.56
CA ASP B 53 28.96 10.49 -69.91
C ASP B 53 27.50 10.95 -69.95
N PHE B 54 26.92 11.16 -68.78
CA PHE B 54 25.50 11.56 -68.70
C PHE B 54 25.35 12.60 -67.65
N ARG B 55 24.36 13.45 -67.88
CA ARG B 55 23.79 14.28 -66.83
C ARG B 55 22.91 13.40 -65.94
N VAL B 56 23.14 13.49 -64.63
CA VAL B 56 22.52 12.59 -63.62
C VAL B 56 21.79 13.46 -62.59
N ILE B 57 20.46 13.30 -62.53
CA ILE B 57 19.60 13.97 -61.55
C ILE B 57 19.02 12.92 -60.58
N VAL B 58 19.04 13.23 -59.29
CA VAL B 58 18.38 12.44 -58.29
C VAL B 58 17.51 13.31 -57.38
N PRO B 59 16.17 13.25 -57.51
CA PRO B 59 15.38 14.00 -56.53
C PRO B 59 15.22 13.32 -55.15
N ASN B 60 15.21 14.12 -54.08
CA ASN B 60 14.73 13.59 -52.81
C ASN B 60 13.29 13.96 -52.54
N TRP B 61 12.52 12.98 -52.10
CA TRP B 61 11.12 13.23 -51.87
C TRP B 61 10.91 14.14 -50.66
N ARG B 62 9.67 14.58 -50.46
CA ARG B 62 9.36 15.44 -49.34
C ARG B 62 9.72 14.75 -48.02
N GLY B 63 10.44 15.46 -47.15
CA GLY B 63 10.78 14.92 -45.85
C GLY B 63 11.99 13.99 -45.87
N HIS B 64 12.63 13.86 -47.05
CA HIS B 64 13.71 12.92 -47.30
C HIS B 64 14.97 13.72 -47.50
N GLY B 65 16.10 13.18 -47.07
CA GLY B 65 17.38 13.86 -47.28
C GLY B 65 18.31 13.58 -46.13
N LEU B 66 19.46 14.25 -46.15
CA LEU B 66 20.48 14.17 -45.07
C LEU B 66 19.88 14.57 -43.73
N SER B 67 18.80 15.35 -43.80
CA SER B 67 18.02 15.76 -42.66
C SER B 67 16.52 15.52 -42.86
N PRO B 68 16.06 14.31 -42.52
CA PRO B 68 14.66 14.00 -42.69
C PRO B 68 13.76 14.92 -41.84
N SER B 69 12.56 15.20 -42.31
CA SER B 69 11.65 15.93 -41.48
C SER B 69 10.23 15.52 -41.76
N GLU B 70 9.36 15.67 -40.75
CA GLU B 70 7.91 15.40 -40.89
C GLU B 70 7.34 16.38 -41.91
N VAL B 71 6.44 15.87 -42.75
CA VAL B 71 5.81 16.68 -43.76
C VAL B 71 4.36 16.23 -43.84
N PRO B 72 3.50 17.03 -44.50
CA PRO B 72 2.12 16.56 -44.66
C PRO B 72 2.00 15.35 -45.60
N ASP B 73 0.92 14.59 -45.46
CA ASP B 73 0.74 13.36 -46.18
C ASP B 73 0.79 13.62 -47.68
N PHE B 74 1.38 12.67 -48.39
CA PHE B 74 1.47 12.71 -49.84
C PHE B 74 1.78 11.29 -50.32
N GLY B 75 1.53 11.07 -51.60
CA GLY B 75 1.74 9.79 -52.25
C GLY B 75 2.52 9.92 -53.55
N TYR B 76 2.41 8.91 -54.41
CA TYR B 76 3.26 8.86 -55.60
C TYR B 76 2.90 9.86 -56.66
N GLN B 77 1.63 10.25 -56.72
CA GLN B 77 1.23 11.31 -57.65
C GLN B 77 1.98 12.61 -57.38
N GLU B 78 2.18 12.91 -56.10
CA GLU B 78 2.92 14.10 -55.70
C GLU B 78 4.42 13.95 -55.99
N GLN B 79 4.97 12.77 -55.71
CA GLN B 79 6.36 12.49 -56.04
C GLN B 79 6.62 12.79 -57.52
N VAL B 80 5.69 12.34 -58.39
CA VAL B 80 5.78 12.59 -59.84
C VAL B 80 5.76 14.10 -60.15
N LYS B 81 4.85 14.87 -59.56
CA LYS B 81 4.78 16.31 -59.82
C LYS B 81 6.08 16.98 -59.34
N ASP B 82 6.59 16.55 -58.17
CA ASP B 82 7.83 17.12 -57.65
C ASP B 82 8.97 16.89 -58.61
N ALA B 83 9.08 15.67 -59.14
CA ALA B 83 10.13 15.29 -60.05
C ALA B 83 10.10 16.10 -61.33
N LEU B 84 8.91 16.25 -61.92
CA LEU B 84 8.77 17.01 -63.16
C LEU B 84 9.12 18.47 -62.92
N GLU B 85 8.71 18.99 -61.76
CA GLU B 85 8.93 20.40 -61.43
C GLU B 85 10.43 20.66 -61.31
N ILE B 86 11.17 19.71 -60.74
CA ILE B 86 12.62 19.81 -60.66
C ILE B 86 13.24 19.74 -62.07
N LEU B 87 12.61 18.99 -62.96
CA LEU B 87 13.08 18.85 -64.33
C LEU B 87 12.86 20.13 -65.10
N ASP B 88 11.69 20.74 -64.91
CA ASP B 88 11.36 22.04 -65.50
C ASP B 88 12.36 23.11 -65.08
N GLN B 89 12.44 23.41 -63.78
CA GLN B 89 13.49 24.31 -63.23
C GLN B 89 14.89 24.06 -63.86
N LEU B 90 15.30 22.80 -64.03
CA LEU B 90 16.60 22.48 -64.64
C LEU B 90 16.64 22.63 -66.17
N GLY B 91 15.50 22.85 -66.81
CA GLY B 91 15.48 22.89 -68.26
C GLY B 91 15.81 21.55 -68.89
N VAL B 92 15.52 20.44 -68.21
CA VAL B 92 15.68 19.09 -68.79
C VAL B 92 14.44 18.72 -69.57
N GLU B 93 14.63 18.31 -70.81
CA GLU B 93 13.56 17.92 -71.69
C GLU B 93 13.37 16.38 -71.70
N THR B 94 14.37 15.68 -72.19
CA THR B 94 14.24 14.24 -72.37
C THR B 94 14.99 13.55 -71.22
N PHE B 95 14.33 12.58 -70.59
CA PHE B 95 14.97 11.82 -69.51
C PHE B 95 14.69 10.32 -69.57
N LEU B 96 15.69 9.55 -69.12
CA LEU B 96 15.53 8.13 -68.85
C LEU B 96 15.42 7.97 -67.34
N PRO B 97 14.22 7.63 -66.84
CA PRO B 97 14.07 7.35 -65.43
C PRO B 97 14.49 5.92 -65.04
N VAL B 98 15.11 5.83 -63.88
CA VAL B 98 15.59 4.61 -63.28
C VAL B 98 15.12 4.63 -61.83
N SER B 99 14.19 3.74 -61.47
CA SER B 99 13.73 3.62 -60.09
C SER B 99 14.32 2.47 -59.28
N HIS B 100 14.32 2.64 -57.94
CA HIS B 100 14.65 1.57 -56.98
C HIS B 100 13.38 1.18 -56.33
N SER B 101 13.15 -0.14 -56.21
CA SER B 101 11.98 -0.71 -55.54
C SER B 101 10.72 0.11 -55.81
N HIS B 102 10.05 0.60 -54.76
CA HIS B 102 8.72 1.23 -54.85
C HIS B 102 8.74 2.69 -55.32
N GLY B 103 9.95 3.18 -55.60
CA GLY B 103 10.15 4.30 -56.48
C GLY B 103 9.60 4.01 -57.85
N GLY B 104 9.28 2.75 -58.13
CA GLY B 104 8.74 2.34 -59.43
C GLY B 104 7.34 2.87 -59.71
N TRP B 105 6.54 3.05 -58.66
CA TRP B 105 5.19 3.62 -58.81
C TRP B 105 5.28 5.07 -59.37
N VAL B 106 6.22 5.84 -58.85
CA VAL B 106 6.62 7.15 -59.43
C VAL B 106 7.07 7.04 -60.90
N LEU B 107 7.95 6.08 -61.18
CA LEU B 107 8.46 5.93 -62.54
C LEU B 107 7.35 5.66 -63.58
N VAL B 108 6.42 4.75 -63.29
CA VAL B 108 5.38 4.36 -64.27
C VAL B 108 4.37 5.52 -64.48
N GLU B 109 4.03 6.19 -63.38
CA GLU B 109 3.17 7.39 -63.45
C GLU B 109 3.91 8.57 -64.12
N LEU B 110 5.24 8.65 -63.98
CA LEU B 110 6.02 9.63 -64.67
C LEU B 110 5.99 9.34 -66.18
N LEU B 111 6.12 8.07 -66.54
CA LEU B 111 6.06 7.70 -67.95
C LEU B 111 4.71 8.12 -68.56
N GLU B 112 3.66 7.91 -67.80
CA GLU B 112 2.31 8.24 -68.26
C GLU B 112 2.19 9.77 -68.43
N GLN B 113 2.53 10.50 -67.39
CA GLN B 113 2.37 11.96 -67.30
CA GLN B 113 2.37 11.96 -67.30
C GLN B 113 3.22 12.71 -68.32
N ALA B 114 4.50 12.34 -68.36
CA ALA B 114 5.46 12.99 -69.24
C ALA B 114 5.46 12.43 -70.66
N GLY B 115 4.91 11.22 -70.86
CA GLY B 115 4.78 10.62 -72.22
C GLY B 115 6.06 10.18 -72.95
N PRO B 116 5.92 9.55 -74.14
CA PRO B 116 7.03 8.82 -74.74
C PRO B 116 8.07 9.61 -75.51
N GLU B 117 7.81 10.90 -75.75
CA GLU B 117 8.82 11.74 -76.41
C GLU B 117 9.77 12.25 -75.35
N ARG B 118 9.23 12.76 -74.25
CA ARG B 118 10.03 13.15 -73.10
C ARG B 118 10.70 11.99 -72.35
N ALA B 119 9.94 10.90 -72.13
CA ALA B 119 10.35 9.68 -71.36
C ALA B 119 10.06 8.43 -72.22
N PRO B 120 10.95 8.11 -73.18
CA PRO B 120 10.71 7.02 -74.15
C PRO B 120 10.89 5.62 -73.56
N ARG B 121 11.61 5.53 -72.44
CA ARG B 121 11.92 4.26 -71.83
C ARG B 121 12.05 4.38 -70.34
N GLY B 122 12.15 3.25 -69.67
CA GLY B 122 12.33 3.23 -68.24
C GLY B 122 12.99 1.95 -67.78
N ILE B 123 13.79 2.04 -66.73
CA ILE B 123 14.39 0.88 -66.09
C ILE B 123 13.88 0.85 -64.66
N ILE B 124 13.36 -0.30 -64.24
CA ILE B 124 12.93 -0.51 -62.86
C ILE B 124 13.85 -1.51 -62.18
N MET B 125 14.31 -1.17 -61.01
CA MET B 125 15.21 -2.04 -60.29
C MET B 125 14.48 -2.68 -59.15
N ASP B 126 14.69 -3.98 -58.98
CA ASP B 126 14.27 -4.75 -57.80
C ASP B 126 12.95 -4.38 -57.13
N TRP B 127 11.87 -4.58 -57.89
CA TRP B 127 10.55 -4.11 -57.52
C TRP B 127 9.56 -5.25 -57.57
N LEU B 128 8.99 -5.62 -56.43
CA LEU B 128 8.18 -6.83 -56.31
C LEU B 128 7.02 -6.81 -57.26
N MET B 129 7.16 -7.54 -58.37
CA MET B 129 6.22 -7.51 -59.50
C MET B 129 4.82 -8.09 -59.24
N TRP B 130 4.74 -9.01 -58.28
CA TRP B 130 3.47 -9.65 -57.94
C TRP B 130 2.80 -8.95 -56.77
N ALA B 131 1.51 -9.21 -56.58
CA ALA B 131 0.78 -8.70 -55.42
C ALA B 131 1.40 -9.21 -54.11
N PRO B 132 1.30 -8.41 -53.05
CA PRO B 132 2.00 -8.80 -51.84
C PRO B 132 1.70 -10.24 -51.41
N LYS B 133 2.77 -11.01 -51.16
CA LYS B 133 2.68 -12.31 -50.47
C LYS B 133 2.51 -12.06 -48.96
N PRO B 134 2.06 -13.08 -48.19
CA PRO B 134 1.72 -12.81 -46.77
C PRO B 134 2.80 -12.12 -45.93
N ASP B 135 4.06 -12.48 -46.15
CA ASP B 135 5.14 -11.91 -45.37
C ASP B 135 5.31 -10.39 -45.63
N PHE B 136 5.27 -10.02 -46.91
CA PHE B 136 5.39 -8.61 -47.26
C PHE B 136 4.16 -7.81 -46.81
N ALA B 137 2.98 -8.41 -46.96
CA ALA B 137 1.73 -7.79 -46.52
C ALA B 137 1.85 -7.54 -45.03
N LYS B 138 2.46 -8.47 -44.31
CA LYS B 138 2.64 -8.31 -42.89
C LYS B 138 3.59 -7.13 -42.57
N SER B 139 4.69 -7.03 -43.31
CA SER B 139 5.65 -5.97 -43.10
C SER B 139 4.97 -4.61 -43.29
N LEU B 140 4.13 -4.51 -44.32
CA LEU B 140 3.40 -3.27 -44.54
C LEU B 140 2.49 -2.93 -43.32
N THR B 141 1.83 -3.96 -42.79
CA THR B 141 0.98 -3.88 -41.62
C THR B 141 1.76 -3.29 -40.48
N LEU B 142 2.93 -3.85 -40.21
CA LEU B 142 3.80 -3.42 -39.11
C LEU B 142 4.36 -2.01 -39.31
N LEU B 143 4.64 -1.62 -40.54
CA LEU B 143 5.18 -0.25 -40.79
C LEU B 143 4.11 0.81 -40.47
N LYS B 144 2.84 0.47 -40.67
CA LYS B 144 1.77 1.43 -40.50
C LYS B 144 1.42 1.63 -39.04
N ASP B 145 1.87 0.71 -38.19
CA ASP B 145 1.54 0.65 -36.77
C ASP B 145 2.58 1.42 -35.93
N PRO B 146 2.16 2.46 -35.23
CA PRO B 146 3.12 3.31 -34.50
C PRO B 146 3.84 2.60 -33.34
N GLU B 147 3.31 1.46 -32.91
CA GLU B 147 3.90 0.64 -31.85
C GLU B 147 4.95 -0.38 -32.36
N ARG B 148 4.94 -0.65 -33.68
CA ARG B 148 5.72 -1.76 -34.22
C ARG B 148 6.46 -1.44 -35.50
N TRP B 149 6.51 -0.17 -35.89
CA TRP B 149 7.11 0.17 -37.15
C TRP B 149 8.59 -0.22 -37.23
N ARG B 150 9.33 -0.07 -36.12
CA ARG B 150 10.78 -0.33 -36.18
C ARG B 150 11.02 -1.84 -36.35
N GLU B 151 10.20 -2.63 -35.66
CA GLU B 151 10.17 -4.05 -35.84
C GLU B 151 9.89 -4.35 -37.31
N GLY B 152 8.95 -3.59 -37.88
CA GLY B 152 8.65 -3.65 -39.32
C GLY B 152 9.89 -3.52 -40.19
N THR B 153 10.65 -2.45 -39.99
CA THR B 153 11.81 -2.17 -40.81
C THR B 153 12.90 -3.23 -40.68
N HIS B 154 13.03 -3.78 -39.48
CA HIS B 154 14.05 -4.77 -39.15
C HIS B 154 13.82 -6.07 -39.84
N GLY B 155 12.56 -6.44 -39.98
CA GLY B 155 12.19 -7.58 -40.81
C GLY B 155 12.51 -7.35 -42.28
N LEU B 156 12.22 -6.16 -42.79
CA LEU B 156 12.50 -5.83 -44.16
C LEU B 156 14.02 -5.82 -44.40
N PHE B 157 14.80 -5.29 -43.47
CA PHE B 157 16.27 -5.35 -43.60
C PHE B 157 16.73 -6.78 -43.68
N ASP B 158 16.15 -7.66 -42.87
CA ASP B 158 16.44 -9.08 -42.98
C ASP B 158 16.21 -9.67 -44.37
N VAL B 159 15.04 -9.40 -44.94
CA VAL B 159 14.70 -9.88 -46.29
C VAL B 159 15.66 -9.32 -47.29
N TRP B 160 15.96 -8.04 -47.18
CA TRP B 160 16.78 -7.34 -48.11
C TRP B 160 18.24 -7.75 -48.12
N LEU B 161 18.78 -8.10 -46.96
CA LEU B 161 20.19 -8.49 -46.90
C LEU B 161 20.30 -9.97 -47.24
N ASP B 162 19.20 -10.70 -47.05
CA ASP B 162 19.06 -12.11 -47.50
C ASP B 162 20.21 -13.04 -47.06
N GLY B 163 20.67 -12.83 -45.83
CA GLY B 163 21.70 -13.69 -45.19
C GLY B 163 23.10 -13.27 -45.57
N HIS B 164 23.25 -12.08 -46.14
CA HIS B 164 24.57 -11.60 -46.55
C HIS B 164 25.20 -10.56 -45.62
N ASP B 165 26.47 -10.77 -45.30
CA ASP B 165 27.23 -9.74 -44.63
C ASP B 165 27.79 -8.78 -45.67
N GLU B 166 26.87 -8.07 -46.31
CA GLU B 166 27.20 -7.16 -47.40
C GLU B 166 27.42 -5.74 -46.86
N LYS B 167 28.68 -5.38 -46.74
CA LYS B 167 29.13 -4.22 -45.96
C LYS B 167 28.51 -2.86 -46.36
N ARG B 168 28.38 -2.64 -47.67
CA ARG B 168 27.83 -1.42 -48.22
C ARG B 168 26.31 -1.27 -48.00
N VAL B 169 25.60 -2.36 -48.17
CA VAL B 169 24.15 -2.34 -48.07
C VAL B 169 23.79 -2.21 -46.59
N ARG B 170 24.55 -2.88 -45.73
CA ARG B 170 24.38 -2.75 -44.26
C ARG B 170 24.59 -1.32 -43.78
N HIS B 171 25.63 -0.68 -44.33
CA HIS B 171 25.87 0.76 -44.09
C HIS B 171 24.68 1.63 -44.50
N HIS B 172 24.07 1.33 -45.65
CA HIS B 172 22.97 2.11 -46.18
C HIS B 172 21.78 1.96 -45.26
N LEU B 173 21.47 0.73 -44.84
CA LEU B 173 20.33 0.45 -44.00
C LEU B 173 20.46 0.96 -42.54
N LEU B 174 21.66 0.82 -41.97
CA LEU B 174 21.86 1.00 -40.55
C LEU B 174 22.33 2.37 -40.20
N GLU B 175 22.96 3.05 -41.15
CA GLU B 175 23.48 4.38 -40.98
C GLU B 175 22.71 5.40 -41.82
N GLU B 176 22.62 5.20 -43.14
CA GLU B 176 22.06 6.22 -44.03
C GLU B 176 20.54 6.28 -43.95
N MET B 177 19.89 5.26 -43.41
CA MET B 177 18.42 5.33 -43.24
C MET B 177 18.03 5.51 -41.76
N ALA B 178 19.02 5.64 -40.88
CA ALA B 178 18.78 5.60 -39.43
C ALA B 178 17.99 6.81 -38.92
N ASP B 179 18.16 7.95 -39.59
CA ASP B 179 17.42 9.16 -39.24
C ASP B 179 15.99 9.16 -39.75
N TYR B 180 15.51 8.13 -40.45
CA TYR B 180 14.10 8.17 -40.93
C TYR B 180 13.20 7.52 -39.89
N GLY B 181 12.08 8.17 -39.57
CA GLY B 181 11.19 7.73 -38.50
C GLY B 181 9.84 7.33 -39.04
N TYR B 182 8.95 7.02 -38.10
CA TYR B 182 7.58 6.61 -38.38
C TYR B 182 6.77 7.53 -39.33
N ASP B 183 7.10 8.83 -39.41
CA ASP B 183 6.35 9.69 -40.33
C ASP B 183 6.59 9.21 -41.75
N CYS B 184 7.82 8.81 -42.06
CA CYS B 184 8.16 8.24 -43.39
C CYS B 184 7.67 6.81 -43.52
N TRP B 185 8.10 5.93 -42.60
CA TRP B 185 7.88 4.49 -42.72
C TRP B 185 6.40 4.15 -42.75
N GLY B 186 5.62 4.81 -41.90
CA GLY B 186 4.18 4.59 -41.86
C GLY B 186 3.46 5.01 -43.13
N ARG B 187 3.89 6.15 -43.66
CA ARG B 187 3.48 6.62 -44.98
C ARG B 187 3.85 5.66 -46.14
N SER B 188 5.07 5.13 -46.09
CA SER B 188 5.53 4.18 -47.15
C SER B 188 4.60 2.99 -47.16
N GLY B 189 4.24 2.55 -45.97
CA GLY B 189 3.33 1.44 -45.77
C GLY B 189 1.96 1.73 -46.32
N ARG B 190 1.45 2.95 -46.08
CA ARG B 190 0.11 3.25 -46.54
C ARG B 190 0.12 3.39 -48.04
N VAL B 191 1.08 4.14 -48.58
CA VAL B 191 1.14 4.43 -50.01
C VAL B 191 1.36 3.16 -50.86
N ILE B 192 2.26 2.28 -50.43
CA ILE B 192 2.55 1.03 -51.15
C ILE B 192 1.34 0.08 -51.07
N GLU B 193 0.79 -0.08 -49.88
CA GLU B 193 -0.37 -0.92 -49.75
C GLU B 193 -1.48 -0.36 -50.63
N ASP B 194 -1.69 0.94 -50.56
CA ASP B 194 -2.70 1.57 -51.38
C ASP B 194 -2.45 1.40 -52.87
N ALA B 195 -1.18 1.52 -53.28
CA ALA B 195 -0.76 1.39 -54.67
C ALA B 195 -1.06 0.01 -55.29
N TYR B 196 -0.69 -1.06 -54.58
CA TYR B 196 -1.09 -2.41 -55.03
C TYR B 196 -2.60 -2.57 -55.08
N GLY B 197 -3.29 -2.18 -54.02
CA GLY B 197 -4.76 -2.28 -53.98
C GLY B 197 -5.41 -1.64 -55.20
N ARG B 198 -5.02 -0.41 -55.51
CA ARG B 198 -5.69 0.34 -56.59
C ARG B 198 -5.21 0.06 -58.00
N ASN B 199 -3.95 -0.38 -58.17
CA ASN B 199 -3.43 -0.69 -59.50
C ASN B 199 -3.25 -2.18 -59.72
N GLY B 200 -3.46 -2.99 -58.69
CA GLY B 200 -3.30 -4.43 -58.77
C GLY B 200 -1.87 -4.87 -58.50
N SER B 201 -0.97 -4.49 -59.41
CA SER B 201 0.44 -4.83 -59.27
C SER B 201 1.21 -3.93 -60.18
N PRO B 202 2.55 -3.88 -60.03
CA PRO B 202 3.37 -3.10 -60.96
C PRO B 202 3.19 -3.49 -62.45
N MET B 203 2.98 -4.79 -62.69
CA MET B 203 2.80 -5.33 -64.05
C MET B 203 1.46 -4.93 -64.68
N GLN B 204 0.39 -4.97 -63.87
CA GLN B 204 -0.91 -4.46 -64.29
C GLN B 204 -0.83 -2.94 -64.59
N MET B 205 -0.25 -2.18 -63.68
CA MET B 205 -0.06 -0.74 -63.93
C MET B 205 0.71 -0.54 -65.24
N MET B 206 1.80 -1.26 -65.47
CA MET B 206 2.62 -1.02 -66.68
C MET B 206 1.82 -1.36 -67.95
N ALA B 207 1.21 -2.53 -67.97
CA ALA B 207 0.37 -2.97 -69.11
C ALA B 207 -0.77 -2.00 -69.37
N ASN B 208 -1.21 -1.28 -68.35
CA ASN B 208 -2.26 -0.27 -68.51
C ASN B 208 -1.83 1.12 -68.94
N LEU B 209 -0.57 1.29 -69.35
CA LEU B 209 -0.10 2.60 -69.81
C LEU B 209 -0.80 2.92 -71.12
N THR B 210 -1.25 4.17 -71.27
CA THR B 210 -1.79 4.67 -72.54
C THR B 210 -0.85 4.45 -73.68
N LYS B 211 0.42 4.82 -73.46
CA LYS B 211 1.43 4.58 -74.44
C LYS B 211 2.51 3.66 -73.84
N THR B 212 2.44 2.36 -74.16
CA THR B 212 3.44 1.38 -73.69
C THR B 212 4.72 1.63 -74.48
N ARG B 213 5.86 1.34 -73.84
CA ARG B 213 7.19 1.61 -74.38
C ARG B 213 8.22 0.68 -73.68
N PRO B 214 9.44 0.61 -74.19
CA PRO B 214 10.47 -0.24 -73.56
C PRO B 214 10.68 -0.04 -72.05
N ILE B 215 10.39 -1.06 -71.25
CA ILE B 215 10.71 -1.05 -69.83
C ILE B 215 11.47 -2.33 -69.48
N ARG B 216 12.61 -2.21 -68.82
CA ARG B 216 13.36 -3.40 -68.38
C ARG B 216 13.36 -3.50 -66.87
N HIS B 217 13.01 -4.67 -66.33
CA HIS B 217 13.13 -4.98 -64.87
C HIS B 217 14.46 -5.63 -64.52
N ILE B 218 15.37 -4.90 -63.88
CA ILE B 218 16.65 -5.50 -63.46
C ILE B 218 16.58 -5.71 -61.96
N PHE B 219 16.78 -6.97 -61.54
CA PHE B 219 16.66 -7.38 -60.15
C PHE B 219 17.60 -8.55 -59.74
N SER B 220 17.78 -8.67 -58.43
CA SER B 220 18.53 -9.75 -57.81
C SER B 220 17.63 -10.57 -56.92
N GLN B 221 16.60 -9.99 -56.34
CA GLN B 221 15.71 -10.77 -55.51
C GLN B 221 14.28 -10.39 -55.86
N PRO B 222 13.29 -11.26 -55.52
CA PRO B 222 13.42 -12.64 -54.95
C PRO B 222 14.20 -13.57 -55.87
N THR B 223 14.90 -14.54 -55.29
CA THR B 223 15.87 -15.39 -56.00
C THR B 223 15.23 -16.65 -56.58
N GLU B 224 13.99 -16.91 -56.21
CA GLU B 224 13.33 -18.19 -56.58
C GLU B 224 12.91 -18.27 -58.02
N PRO B 225 12.85 -19.50 -58.56
CA PRO B 225 12.44 -19.68 -59.96
C PRO B 225 10.99 -19.29 -60.24
N GLU B 226 10.11 -19.37 -59.25
CA GLU B 226 8.73 -18.92 -59.47
C GLU B 226 8.67 -17.40 -59.78
N TYR B 227 9.63 -16.62 -59.25
CA TYR B 227 9.67 -15.19 -59.48
C TYR B 227 10.20 -14.87 -60.86
N GLU B 228 11.30 -15.51 -61.25
CA GLU B 228 11.79 -15.35 -62.62
C GLU B 228 10.72 -15.69 -63.67
N LYS B 229 9.93 -16.71 -63.36
CA LYS B 229 8.84 -17.15 -64.26
C LYS B 229 7.73 -16.08 -64.44
N ILE B 230 7.36 -15.33 -63.40
CA ILE B 230 6.37 -14.30 -63.66
C ILE B 230 7.01 -13.24 -64.58
N ASN B 231 8.32 -13.00 -64.42
CA ASN B 231 9.02 -12.04 -65.23
C ASN B 231 9.10 -12.57 -66.67
N SER B 232 9.48 -13.84 -66.85
CA SER B 232 9.53 -14.41 -68.23
C SER B 232 8.19 -14.46 -68.93
N ASP B 233 7.12 -14.78 -68.21
CA ASP B 233 5.75 -14.83 -68.75
C ASP B 233 5.19 -13.47 -69.11
N PHE B 234 5.44 -12.50 -68.25
CA PHE B 234 5.13 -11.12 -68.64
C PHE B 234 5.91 -10.70 -69.92
N ALA B 235 7.15 -11.13 -70.03
CA ALA B 235 7.98 -10.71 -71.16
C ALA B 235 7.55 -11.38 -72.45
N GLU B 236 7.10 -12.62 -72.33
CA GLU B 236 6.57 -13.35 -73.46
C GLU B 236 5.32 -12.69 -74.01
N GLN B 237 4.48 -12.20 -73.10
CA GLN B 237 3.23 -11.52 -73.46
C GLN B 237 3.43 -10.11 -74.03
N HIS B 238 4.53 -9.47 -73.65
CA HIS B 238 4.70 -8.04 -73.93
C HIS B 238 6.01 -7.71 -74.63
N PRO B 239 5.93 -7.31 -75.91
CA PRO B 239 7.13 -7.02 -76.65
C PRO B 239 8.01 -5.94 -76.01
N TRP B 240 7.37 -4.97 -75.37
CA TRP B 240 8.08 -3.83 -74.77
C TRP B 240 8.66 -4.15 -73.37
N PHE B 241 8.35 -5.32 -72.84
CA PHE B 241 8.94 -5.67 -71.54
C PHE B 241 10.10 -6.63 -71.66
N SER B 242 11.17 -6.32 -70.94
CA SER B 242 12.30 -7.23 -70.75
C SER B 242 12.75 -7.25 -69.28
N TYR B 243 13.49 -8.29 -68.89
CA TYR B 243 14.13 -8.31 -67.59
C TYR B 243 15.56 -8.82 -67.72
N ALA B 244 16.32 -8.64 -66.64
CA ALA B 244 17.62 -9.25 -66.48
C ALA B 244 17.84 -9.51 -65.02
N LYS B 245 18.14 -10.76 -64.69
CA LYS B 245 18.47 -11.13 -63.32
C LYS B 245 19.94 -10.88 -63.10
N LEU B 246 20.26 -10.04 -62.13
CA LEU B 246 21.62 -9.51 -62.01
C LEU B 246 22.47 -10.34 -61.10
N GLY B 247 21.87 -11.20 -60.29
CA GLY B 247 22.60 -12.12 -59.43
C GLY B 247 23.41 -11.54 -58.29
N GLY B 248 23.12 -10.31 -57.87
CA GLY B 248 23.81 -9.67 -56.76
C GLY B 248 23.28 -10.25 -55.50
N PRO B 249 23.91 -9.92 -54.34
CA PRO B 249 23.49 -10.51 -53.05
C PRO B 249 22.23 -9.92 -52.43
N THR B 250 21.92 -8.64 -52.70
CA THR B 250 20.85 -7.94 -51.97
C THR B 250 19.77 -7.25 -52.84
N HIS B 251 18.75 -6.74 -52.13
CA HIS B 251 17.66 -5.93 -52.67
C HIS B 251 18.14 -4.63 -53.29
N PHE B 252 19.43 -4.28 -53.14
CA PHE B 252 20.00 -3.03 -53.64
C PHE B 252 21.12 -3.15 -54.73
N PRO B 253 20.75 -3.55 -55.97
CA PRO B 253 21.74 -3.67 -57.04
C PRO B 253 22.44 -2.38 -57.32
N ALA B 254 21.78 -1.23 -57.13
CA ALA B 254 22.49 0.05 -57.34
C ALA B 254 23.73 0.13 -56.46
N ILE B 255 23.69 -0.49 -55.28
CA ILE B 255 24.80 -0.47 -54.32
C ILE B 255 25.75 -1.63 -54.53
N ASP B 256 25.19 -2.85 -54.59
CA ASP B 256 26.08 -4.03 -54.60
C ASP B 256 26.54 -4.55 -55.98
N VAL B 257 25.86 -4.18 -57.07
CA VAL B 257 26.38 -4.43 -58.42
C VAL B 257 26.16 -3.18 -59.29
N PRO B 258 26.89 -2.10 -58.98
CA PRO B 258 26.63 -0.85 -59.66
C PRO B 258 27.08 -0.84 -61.09
N ASP B 259 28.18 -1.54 -61.38
CA ASP B 259 28.64 -1.70 -62.76
C ASP B 259 27.55 -2.34 -63.65
N ARG B 260 26.93 -3.38 -63.16
CA ARG B 260 25.92 -4.08 -63.94
C ARG B 260 24.70 -3.16 -64.26
N ALA B 261 24.21 -2.47 -63.24
CA ALA B 261 23.02 -1.63 -63.37
C ALA B 261 23.30 -0.60 -64.42
N ALA B 262 24.50 -0.04 -64.33
CA ALA B 262 24.98 0.97 -65.27
C ALA B 262 24.92 0.49 -66.73
N VAL B 263 25.38 -0.73 -66.93
CA VAL B 263 25.41 -1.34 -68.26
C VAL B 263 23.99 -1.43 -68.90
N HIS B 264 22.96 -1.72 -68.12
CA HIS B 264 21.61 -1.72 -68.65
C HIS B 264 21.11 -0.31 -68.85
N ILE B 265 21.51 0.61 -67.98
CA ILE B 265 21.12 2.01 -68.14
C ILE B 265 21.74 2.57 -69.44
N ARG B 266 23.03 2.33 -69.64
CA ARG B 266 23.72 2.79 -70.82
C ARG B 266 23.13 2.20 -72.09
N GLU B 267 22.72 0.95 -72.04
CA GLU B 267 22.16 0.32 -73.22
C GLU B 267 20.90 1.09 -73.65
N PHE B 268 20.02 1.31 -72.67
CA PHE B 268 18.77 2.04 -72.87
C PHE B 268 19.00 3.51 -73.25
N ALA B 269 20.02 4.16 -72.67
CA ALA B 269 20.39 5.52 -73.08
C ALA B 269 20.86 5.60 -74.55
N THR B 270 21.68 4.64 -74.97
CA THR B 270 22.16 4.53 -76.33
C THR B 270 21.10 4.20 -77.36
N ALA B 271 20.07 3.44 -76.97
CA ALA B 271 18.91 3.19 -77.81
C ALA B 271 18.12 4.48 -78.04
N ILE B 272 17.97 5.30 -77.00
CA ILE B 272 17.30 6.62 -77.12
C ILE B 272 18.09 7.56 -78.07
N ARG B 273 19.42 7.50 -78.02
CA ARG B 273 20.29 8.24 -78.96
C ARG B 273 20.27 7.81 -80.43
N GLN B 274 19.70 6.66 -80.74
CA GLN B 274 19.63 6.21 -82.13
C GLN B 274 18.16 6.11 -82.58
N GLY B 275 17.44 7.21 -82.37
CA GLY B 275 16.03 7.33 -82.69
C GLY B 275 15.28 6.69 -81.56
N THR C 2 0.29 10.65 62.31
CA THR C 2 0.83 9.27 62.41
C THR C 2 0.79 8.75 63.86
N ASP C 3 1.94 8.44 64.48
CA ASP C 3 1.92 7.91 65.86
C ASP C 3 1.50 8.95 66.92
N THR C 4 1.63 10.24 66.60
CA THR C 4 1.21 11.31 67.53
C THR C 4 -0.31 11.26 67.89
N TYR C 5 -1.08 10.43 67.19
CA TYR C 5 -2.50 10.15 67.55
C TYR C 5 -2.77 8.79 68.20
N LEU C 6 -1.73 8.00 68.42
CA LEU C 6 -1.88 6.63 68.95
C LEU C 6 -2.11 6.66 70.45
N HIS C 7 -3.15 5.98 70.93
CA HIS C 7 -3.46 5.87 72.35
C HIS C 7 -3.68 4.45 72.78
N GLU C 8 -3.68 4.19 74.10
CA GLU C 8 -4.00 2.87 74.63
C GLU C 8 -5.02 3.06 75.76
N THR C 9 -6.05 2.23 75.78
CA THR C 9 -7.02 2.23 76.90
C THR C 9 -7.40 0.81 77.22
N LEU C 10 -7.95 0.63 78.43
CA LEU C 10 -8.42 -0.65 78.91
C LEU C 10 -9.86 -0.75 78.46
N VAL C 11 -10.23 -1.88 77.87
CA VAL C 11 -11.60 -2.10 77.31
C VAL C 11 -12.07 -3.44 77.83
N PHE C 12 -12.99 -3.41 78.81
CA PHE C 12 -13.32 -4.60 79.58
C PHE C 12 -12.00 -5.27 80.02
N ASP C 13 -11.81 -6.53 79.67
CA ASP C 13 -10.60 -7.23 80.05
C ASP C 13 -9.29 -6.65 79.48
N ASN C 14 -9.30 -6.18 78.23
CA ASN C 14 -8.06 -6.01 77.47
C ASN C 14 -7.66 -4.58 77.22
N LYS C 15 -6.35 -4.34 77.15
CA LYS C 15 -5.78 -3.08 76.73
C LYS C 15 -5.74 -3.07 75.21
N LEU C 16 -6.36 -2.07 74.60
CA LEU C 16 -6.43 -1.95 73.14
C LEU C 16 -5.83 -0.63 72.74
N SER C 17 -5.07 -0.61 71.64
CA SER C 17 -4.64 0.66 71.02
C SER C 17 -5.69 1.22 70.04
N TYR C 18 -5.59 2.50 69.78
CA TYR C 18 -6.51 3.13 68.87
C TYR C 18 -5.91 4.44 68.42
N ILE C 19 -6.32 4.88 67.24
CA ILE C 19 -5.98 6.20 66.75
C ILE C 19 -7.15 7.07 67.14
N ASP C 20 -6.84 8.31 67.47
CA ASP C 20 -7.83 9.33 67.67
C ASP C 20 -7.06 10.64 67.50
N ASN C 21 -7.37 11.38 66.46
CA ASN C 21 -6.73 12.69 66.27
C ASN C 21 -7.33 13.79 67.17
N GLN C 22 -8.36 13.45 67.95
CA GLN C 22 -9.04 14.37 68.87
C GLN C 22 -9.43 15.69 68.26
N ARG C 23 -9.60 15.74 66.94
CA ARG C 23 -9.97 16.99 66.26
C ARG C 23 -11.27 17.48 66.86
N ASP C 24 -11.34 18.79 67.21
CA ASP C 24 -12.59 19.41 67.69
C ASP C 24 -13.35 19.96 66.51
N THR C 25 -14.29 19.17 65.99
CA THR C 25 -15.03 19.59 64.81
C THR C 25 -16.46 19.09 64.86
N ASP C 26 -17.24 19.56 63.88
CA ASP C 26 -18.58 19.05 63.60
C ASP C 26 -18.52 17.54 63.28
N GLY C 27 -19.54 16.83 63.72
CA GLY C 27 -19.69 15.42 63.45
C GLY C 27 -20.16 15.20 62.02
N PRO C 28 -20.26 13.93 61.60
CA PRO C 28 -20.00 12.75 62.42
C PRO C 28 -18.50 12.45 62.56
N ALA C 29 -18.15 11.63 63.54
CA ALA C 29 -16.82 11.09 63.62
C ALA C 29 -16.69 10.03 62.52
N ILE C 30 -15.46 9.81 62.02
CA ILE C 30 -15.17 8.75 61.06
C ILE C 30 -14.42 7.64 61.75
N LEU C 31 -15.09 6.50 61.85
CA LEU C 31 -14.57 5.32 62.50
C LEU C 31 -14.03 4.38 61.43
N LEU C 32 -12.71 4.39 61.28
CA LEU C 32 -12.01 3.52 60.33
C LEU C 32 -11.78 2.18 61.01
N LEU C 33 -12.30 1.11 60.41
CA LEU C 33 -12.27 -0.24 60.98
C LEU C 33 -11.30 -1.15 60.21
N PRO C 34 -10.22 -1.61 60.88
CA PRO C 34 -9.32 -2.59 60.27
C PRO C 34 -9.92 -3.95 60.05
N GLY C 35 -9.43 -4.68 59.06
CA GLY C 35 -9.79 -6.10 58.90
C GLY C 35 -9.04 -6.97 59.88
N TRP C 36 -9.01 -8.26 59.63
CA TRP C 36 -8.24 -9.20 60.47
C TRP C 36 -6.72 -9.16 60.24
N CYS C 37 -5.97 -9.26 61.34
CA CYS C 37 -4.53 -9.39 61.32
C CYS C 37 -3.77 -8.22 60.71
N HIS C 38 -4.35 -7.04 60.78
CA HIS C 38 -3.56 -5.86 60.61
C HIS C 38 -4.15 -4.81 61.50
N ASP C 39 -3.58 -3.61 61.49
CA ASP C 39 -3.93 -2.55 62.42
C ASP C 39 -3.99 -1.19 61.73
N HIS C 40 -4.14 -0.15 62.55
CA HIS C 40 -4.24 1.25 62.09
C HIS C 40 -3.22 1.71 61.04
N ARG C 41 -2.06 1.04 60.94
CA ARG C 41 -1.05 1.42 59.93
C ARG C 41 -1.61 1.31 58.46
N VAL C 42 -2.59 0.44 58.23
CA VAL C 42 -3.25 0.33 56.92
C VAL C 42 -4.00 1.61 56.50
N TYR C 43 -4.31 2.44 57.47
CA TYR C 43 -5.04 3.63 57.25
C TYR C 43 -4.19 4.88 57.32
N LYS C 44 -2.88 4.76 57.39
CA LYS C 44 -2.11 5.98 57.67
C LYS C 44 -2.18 7.04 56.57
N TYR C 45 -2.38 6.63 55.30
CA TYR C 45 -2.59 7.60 54.21
C TYR C 45 -4.00 8.18 54.26
N LEU C 46 -4.96 7.31 54.58
CA LEU C 46 -6.34 7.73 54.64
C LEU C 46 -6.54 8.78 55.79
N ILE C 47 -5.94 8.52 56.95
CA ILE C 47 -5.97 9.46 58.04
C ILE C 47 -5.47 10.81 57.54
N GLN C 48 -4.35 10.84 56.82
CA GLN C 48 -3.84 12.11 56.31
C GLN C 48 -4.82 12.93 55.45
N GLU C 49 -5.58 12.24 54.58
CA GLU C 49 -6.59 12.90 53.71
C GLU C 49 -7.73 13.51 54.51
N LEU C 50 -8.11 12.85 55.58
CA LEU C 50 -9.29 13.28 56.36
C LEU C 50 -8.95 14.15 57.60
N ASP C 51 -7.66 14.18 57.98
CA ASP C 51 -7.17 14.66 59.30
C ASP C 51 -7.69 16.03 59.74
N ALA C 52 -7.58 17.00 58.83
CA ALA C 52 -8.03 18.36 59.05
C ALA C 52 -9.49 18.46 59.47
N ASP C 53 -10.39 17.85 58.70
CA ASP C 53 -11.80 18.24 58.67
C ASP C 53 -12.71 17.31 59.49
N PHE C 54 -12.14 16.22 59.97
CA PHE C 54 -12.92 15.24 60.70
C PHE C 54 -12.11 14.71 61.87
N ARG C 55 -12.84 14.34 62.89
CA ARG C 55 -12.29 13.54 63.95
C ARG C 55 -12.25 12.11 63.42
N VAL C 56 -11.10 11.44 63.57
CA VAL C 56 -10.84 10.14 62.98
C VAL C 56 -10.42 9.22 64.09
N ILE C 57 -11.21 8.15 64.31
CA ILE C 57 -10.90 7.09 65.31
C ILE C 57 -10.65 5.79 64.57
N VAL C 58 -9.58 5.06 64.99
CA VAL C 58 -9.23 3.72 64.46
C VAL C 58 -8.98 2.69 65.58
N PRO C 59 -9.96 1.83 65.88
CA PRO C 59 -9.66 0.87 66.95
C PRO C 59 -8.84 -0.30 66.48
N ASN C 60 -7.92 -0.78 67.32
CA ASN C 60 -7.29 -2.05 67.08
C ASN C 60 -7.95 -3.13 67.84
N TRP C 61 -8.18 -4.26 67.18
CA TRP C 61 -8.82 -5.38 67.81
C TRP C 61 -7.92 -6.06 68.86
N ARG C 62 -8.51 -6.97 69.62
CA ARG C 62 -7.78 -7.67 70.66
C ARG C 62 -6.65 -8.40 70.04
N GLY C 63 -5.44 -8.22 70.56
CA GLY C 63 -4.26 -8.96 70.08
C GLY C 63 -3.60 -8.33 68.87
N HIS C 64 -4.10 -7.15 68.45
CA HIS C 64 -3.67 -6.49 67.24
C HIS C 64 -2.92 -5.27 67.71
N GLY C 65 -1.96 -4.81 66.92
CA GLY C 65 -1.25 -3.56 67.22
C GLY C 65 0.18 -3.65 66.81
N LEU C 66 0.93 -2.59 67.13
CA LEU C 66 2.37 -2.54 66.86
C LEU C 66 3.07 -3.74 67.54
N SER C 67 2.43 -4.24 68.59
CA SER C 67 2.91 -5.42 69.29
C SER C 67 1.79 -6.47 69.44
N PRO C 68 1.65 -7.36 68.44
CA PRO C 68 0.57 -8.36 68.49
C PRO C 68 0.73 -9.31 69.65
N SER C 69 -0.35 -9.81 70.22
CA SER C 69 -0.22 -10.81 71.27
C SER C 69 -1.37 -11.81 71.25
N GLU C 70 -1.12 -13.03 71.73
CA GLU C 70 -2.15 -14.05 71.83
C GLU C 70 -3.18 -13.59 72.85
N VAL C 71 -4.44 -13.81 72.51
CA VAL C 71 -5.56 -13.42 73.34
C VAL C 71 -6.54 -14.55 73.22
N PRO C 72 -7.52 -14.63 74.13
CA PRO C 72 -8.56 -15.66 74.04
C PRO C 72 -9.44 -15.47 72.80
N ASP C 73 -10.10 -16.53 72.38
CA ASP C 73 -10.87 -16.52 71.19
C ASP C 73 -12.00 -15.53 71.29
N PHE C 74 -12.26 -14.86 70.15
CA PHE C 74 -13.33 -13.88 70.04
C PHE C 74 -13.63 -13.72 68.54
N GLY C 75 -14.79 -13.12 68.27
CA GLY C 75 -15.30 -12.90 66.93
C GLY C 75 -15.83 -11.50 66.72
N TYR C 76 -16.57 -11.31 65.62
CA TYR C 76 -16.97 -9.98 65.25
C TYR C 76 -17.96 -9.31 66.21
N GLN C 77 -18.77 -10.10 66.91
CA GLN C 77 -19.65 -9.49 67.91
C GLN C 77 -18.87 -8.75 69.02
N GLU C 78 -17.72 -9.32 69.39
CA GLU C 78 -16.84 -8.74 70.39
C GLU C 78 -16.11 -7.52 69.85
N GLN C 79 -15.67 -7.59 68.58
CA GLN C 79 -15.09 -6.44 67.93
C GLN C 79 -16.07 -5.25 68.00
N VAL C 80 -17.35 -5.52 67.74
CA VAL C 80 -18.41 -4.51 67.82
C VAL C 80 -18.52 -3.89 69.21
N LYS C 81 -18.60 -4.73 70.22
CA LYS C 81 -18.66 -4.24 71.62
C LYS C 81 -17.39 -3.45 71.96
N ASP C 82 -16.23 -3.90 71.50
CA ASP C 82 -15.01 -3.14 71.75
C ASP C 82 -15.01 -1.77 71.13
N ALA C 83 -15.48 -1.68 69.88
CA ALA C 83 -15.55 -0.41 69.16
C ALA C 83 -16.52 0.56 69.83
N LEU C 84 -17.68 0.07 70.24
CA LEU C 84 -18.65 0.95 70.88
C LEU C 84 -18.13 1.48 72.22
N GLU C 85 -17.40 0.63 72.95
CA GLU C 85 -16.90 0.96 74.28
C GLU C 85 -15.86 2.04 74.15
N ILE C 86 -15.04 1.95 73.11
CA ILE C 86 -14.05 2.98 72.81
C ILE C 86 -14.77 4.29 72.46
N LEU C 87 -15.92 4.17 71.79
CA LEU C 87 -16.70 5.34 71.40
C LEU C 87 -17.36 6.00 72.61
N ASP C 88 -17.86 5.18 73.54
CA ASP C 88 -18.40 5.68 74.81
C ASP C 88 -17.32 6.45 75.57
N GLN C 89 -16.25 5.75 75.95
CA GLN C 89 -15.09 6.42 76.60
C GLN C 89 -14.71 7.74 75.93
N LEU C 90 -14.74 7.81 74.60
CA LEU C 90 -14.41 9.06 73.90
C LEU C 90 -15.54 10.12 73.94
N GLY C 91 -16.73 9.75 74.36
CA GLY C 91 -17.87 10.67 74.25
C GLY C 91 -18.30 10.90 72.83
N VAL C 92 -18.02 9.95 71.94
CA VAL C 92 -18.46 10.06 70.52
C VAL C 92 -19.91 9.55 70.39
N GLU C 93 -20.75 10.41 69.85
CA GLU C 93 -22.15 10.07 69.66
C GLU C 93 -22.39 9.52 68.24
N THR C 94 -22.25 10.38 67.23
CA THR C 94 -22.60 10.04 65.86
C THR C 94 -21.31 9.68 65.12
N PHE C 95 -21.32 8.56 64.39
CA PHE C 95 -20.16 8.15 63.61
C PHE C 95 -20.58 7.65 62.22
N LEU C 96 -19.63 7.81 61.30
CA LEU C 96 -19.64 7.12 59.99
C LEU C 96 -18.53 6.06 60.05
N PRO C 97 -18.90 4.76 60.20
CA PRO C 97 -17.96 3.68 60.04
C PRO C 97 -17.54 3.38 58.60
N VAL C 98 -16.26 3.08 58.43
CA VAL C 98 -15.62 2.76 57.15
C VAL C 98 -14.75 1.52 57.43
N SER C 99 -15.09 0.40 56.80
CA SER C 99 -14.34 -0.86 56.96
C SER C 99 -13.45 -1.31 55.77
N HIS C 100 -12.45 -2.10 56.11
CA HIS C 100 -11.63 -2.75 55.14
C HIS C 100 -11.97 -4.23 55.17
N SER C 101 -12.16 -4.77 53.97
CA SER C 101 -12.44 -6.18 53.76
C SER C 101 -13.34 -6.74 54.88
N HIS C 102 -12.90 -7.82 55.56
CA HIS C 102 -13.72 -8.52 56.56
C HIS C 102 -13.89 -7.79 57.93
N GLY C 103 -13.31 -6.60 58.02
CA GLY C 103 -13.80 -5.62 58.98
C GLY C 103 -15.26 -5.31 58.74
N GLY C 104 -15.78 -5.69 57.57
CA GLY C 104 -17.17 -5.34 57.19
C GLY C 104 -18.21 -6.02 58.05
N TRP C 105 -17.90 -7.20 58.54
CA TRP C 105 -18.81 -7.94 59.39
C TRP C 105 -19.05 -7.10 60.66
N VAL C 106 -17.96 -6.56 61.20
CA VAL C 106 -18.02 -5.62 62.32
C VAL C 106 -18.87 -4.44 61.97
N LEU C 107 -18.64 -3.83 60.79
CA LEU C 107 -19.37 -2.62 60.40
C LEU C 107 -20.90 -2.84 60.34
N VAL C 108 -21.34 -3.94 59.74
CA VAL C 108 -22.78 -4.20 59.53
C VAL C 108 -23.49 -4.54 60.84
N GLU C 109 -22.81 -5.28 61.71
CA GLU C 109 -23.30 -5.53 63.08
C GLU C 109 -23.24 -4.26 63.95
N LEU C 110 -22.28 -3.37 63.71
CA LEU C 110 -22.23 -2.10 64.39
C LEU C 110 -23.44 -1.26 63.97
N LEU C 111 -23.74 -1.24 62.68
CA LEU C 111 -24.89 -0.50 62.18
C LEU C 111 -26.16 -0.99 62.91
N GLU C 112 -26.30 -2.30 63.05
CA GLU C 112 -27.45 -2.92 63.68
C GLU C 112 -27.57 -2.52 65.16
N GLN C 113 -26.49 -2.71 65.92
CA GLN C 113 -26.46 -2.46 67.37
C GLN C 113 -26.58 -0.99 67.70
N ALA C 114 -25.83 -0.15 67.00
CA ALA C 114 -25.84 1.29 67.28
C ALA C 114 -27.05 1.99 66.64
N GLY C 115 -27.59 1.44 65.56
CA GLY C 115 -28.77 2.03 64.91
C GLY C 115 -28.55 3.32 64.12
N PRO C 116 -29.58 3.74 63.36
CA PRO C 116 -29.44 4.77 62.32
C PRO C 116 -29.34 6.21 62.75
N GLU C 117 -29.59 6.51 64.01
CA GLU C 117 -29.40 7.86 64.49
C GLU C 117 -27.94 8.07 64.83
N ARG C 118 -27.36 7.09 65.52
CA ARG C 118 -25.92 7.07 65.80
C ARG C 118 -25.01 6.78 64.59
N ALA C 119 -25.42 5.79 63.80
CA ALA C 119 -24.67 5.31 62.63
C ALA C 119 -25.62 5.29 61.42
N PRO C 120 -25.87 6.46 60.81
CA PRO C 120 -26.86 6.60 59.71
C PRO C 120 -26.43 6.06 58.34
N ARG C 121 -25.13 5.83 58.18
CA ARG C 121 -24.55 5.32 56.92
C ARG C 121 -23.31 4.50 57.18
N GLY C 122 -22.81 3.84 56.13
CA GLY C 122 -21.63 3.00 56.24
C GLY C 122 -20.99 2.86 54.86
N ILE C 123 -19.66 2.87 54.83
CA ILE C 123 -18.87 2.62 53.61
C ILE C 123 -18.04 1.37 53.86
N ILE C 124 -18.20 0.39 52.98
CA ILE C 124 -17.44 -0.85 53.08
C ILE C 124 -16.41 -0.86 51.92
N MET C 125 -15.15 -1.14 52.24
CA MET C 125 -14.11 -1.17 51.22
C MET C 125 -13.69 -2.59 50.94
N ASP C 126 -13.63 -2.91 49.65
CA ASP C 126 -13.08 -4.17 49.13
C ASP C 126 -13.41 -5.42 49.98
N TRP C 127 -14.67 -5.78 49.97
CA TRP C 127 -15.15 -6.91 50.74
C TRP C 127 -15.88 -7.88 49.83
N LEU C 128 -15.40 -9.12 49.78
CA LEU C 128 -15.93 -10.15 48.88
C LEU C 128 -17.42 -10.34 49.15
N MET C 129 -18.22 -9.81 48.24
CA MET C 129 -19.68 -9.75 48.39
C MET C 129 -20.39 -11.10 48.25
N TRP C 130 -19.80 -11.98 47.47
CA TRP C 130 -20.37 -13.31 47.23
C TRP C 130 -19.84 -14.35 48.20
N ALA C 131 -20.52 -15.48 48.29
CA ALA C 131 -20.06 -16.60 49.11
C ALA C 131 -18.69 -17.09 48.60
N PRO C 132 -17.86 -17.61 49.51
CA PRO C 132 -16.53 -18.00 49.06
C PRO C 132 -16.52 -18.87 47.78
N LYS C 133 -15.74 -18.44 46.79
CA LYS C 133 -15.36 -19.28 45.66
C LYS C 133 -14.30 -20.31 46.08
N PRO C 134 -14.06 -21.37 45.27
CA PRO C 134 -13.19 -22.44 45.77
C PRO C 134 -11.79 -22.00 46.24
N ASP C 135 -11.14 -21.09 45.52
CA ASP C 135 -9.80 -20.61 45.89
C ASP C 135 -9.78 -19.91 47.27
N PHE C 136 -10.73 -19.02 47.50
CA PHE C 136 -10.84 -18.33 48.78
C PHE C 136 -11.23 -19.29 49.91
N ALA C 137 -12.15 -20.21 49.61
CA ALA C 137 -12.54 -21.23 50.58
C ALA C 137 -11.32 -22.03 50.97
N LYS C 138 -10.45 -22.29 50.00
CA LYS C 138 -9.23 -23.01 50.27
C LYS C 138 -8.29 -22.20 51.21
N SER C 139 -8.10 -20.91 50.89
CA SER C 139 -7.23 -20.03 51.69
C SER C 139 -7.66 -20.05 53.17
N LEU C 140 -8.97 -20.07 53.39
CA LEU C 140 -9.47 -20.09 54.72
C LEU C 140 -9.01 -21.42 55.34
N THR C 141 -9.22 -22.52 54.62
CA THR C 141 -8.83 -23.85 55.06
C THR C 141 -7.38 -23.87 55.52
N LEU C 142 -6.52 -23.28 54.70
CA LEU C 142 -5.09 -23.20 55.01
C LEU C 142 -4.75 -22.32 56.22
N LEU C 143 -5.46 -21.20 56.40
CA LEU C 143 -5.21 -20.30 57.53
C LEU C 143 -5.51 -21.00 58.85
N LYS C 144 -6.50 -21.91 58.84
CA LYS C 144 -6.96 -22.56 60.07
C LYS C 144 -6.00 -23.64 60.51
N ASP C 145 -5.17 -24.09 59.57
CA ASP C 145 -4.28 -25.24 59.71
C ASP C 145 -2.87 -24.83 60.26
N PRO C 146 -2.51 -25.34 61.45
CA PRO C 146 -1.28 -24.81 62.11
C PRO C 146 -0.01 -25.19 61.37
N GLU C 147 -0.13 -26.12 60.44
CA GLU C 147 0.98 -26.57 59.59
C GLU C 147 1.13 -25.78 58.30
N ARG C 148 0.09 -25.02 57.93
CA ARG C 148 0.04 -24.38 56.60
C ARG C 148 -0.52 -22.97 56.65
N TRP C 149 -0.55 -22.37 57.83
CA TRP C 149 -1.13 -21.04 57.87
C TRP C 149 -0.33 -20.00 57.05
N ARG C 150 1.01 -20.10 57.11
CA ARG C 150 1.85 -19.10 56.47
C ARG C 150 1.70 -19.25 54.97
N GLU C 151 1.63 -20.48 54.51
CA GLU C 151 1.38 -20.75 53.10
C GLU C 151 0.04 -20.08 52.76
N GLY C 152 -0.92 -20.22 53.66
CA GLY C 152 -2.24 -19.57 53.55
C GLY C 152 -2.20 -18.07 53.27
N THR C 153 -1.41 -17.35 54.09
CA THR C 153 -1.26 -15.93 53.95
C THR C 153 -0.56 -15.52 52.66
N HIS C 154 0.39 -16.36 52.23
CA HIS C 154 1.18 -16.09 51.04
C HIS C 154 0.34 -16.12 49.78
N GLY C 155 -0.59 -17.06 49.74
CA GLY C 155 -1.51 -17.16 48.62
C GLY C 155 -2.47 -15.97 48.59
N LEU C 156 -2.87 -15.49 49.78
CA LEU C 156 -3.73 -14.32 49.90
C LEU C 156 -2.98 -13.10 49.44
N PHE C 157 -1.72 -12.93 49.87
CA PHE C 157 -0.91 -11.79 49.44
C PHE C 157 -0.80 -11.80 47.95
N ASP C 158 -0.64 -12.99 47.33
CA ASP C 158 -0.66 -13.06 45.85
C ASP C 158 -1.93 -12.48 45.23
N VAL C 159 -3.08 -12.96 45.69
CA VAL C 159 -4.37 -12.50 45.20
C VAL C 159 -4.47 -11.00 45.38
N TRP C 160 -4.04 -10.50 46.53
CA TRP C 160 -4.24 -9.11 46.90
C TRP C 160 -3.40 -8.14 46.10
N LEU C 161 -2.16 -8.54 45.79
CA LEU C 161 -1.27 -7.66 45.03
C LEU C 161 -1.58 -7.79 43.59
N ASP C 162 -2.21 -8.89 43.20
CA ASP C 162 -2.73 -9.09 41.82
C ASP C 162 -1.72 -8.77 40.71
N GLY C 163 -0.46 -9.21 40.91
CA GLY C 163 0.57 -9.09 39.89
C GLY C 163 1.23 -7.74 39.82
N HIS C 164 0.94 -6.89 40.81
CA HIS C 164 1.52 -5.55 40.86
C HIS C 164 2.71 -5.44 41.82
N ASP C 165 3.71 -4.68 41.40
CA ASP C 165 4.82 -4.29 42.25
C ASP C 165 4.46 -2.99 42.98
N GLU C 166 3.42 -3.07 43.80
CA GLU C 166 2.90 -1.92 44.48
C GLU C 166 3.58 -1.70 45.85
N LYS C 167 4.52 -0.77 45.84
CA LYS C 167 5.52 -0.62 46.89
C LYS C 167 4.91 -0.42 48.32
N ARG C 168 3.86 0.37 48.40
CA ARG C 168 3.20 0.66 49.68
C ARG C 168 2.45 -0.54 50.24
N VAL C 169 1.76 -1.25 49.35
CA VAL C 169 0.96 -2.42 49.75
C VAL C 169 1.89 -3.54 50.14
N ARG C 170 2.95 -3.77 49.35
CA ARG C 170 3.96 -4.78 49.72
C ARG C 170 4.51 -4.52 51.12
N HIS C 171 4.83 -3.25 51.41
CA HIS C 171 5.31 -2.82 52.71
C HIS C 171 4.32 -3.21 53.80
N HIS C 172 3.02 -2.95 53.57
CA HIS C 172 1.98 -3.26 54.56
C HIS C 172 1.92 -4.74 54.80
N LEU C 173 2.00 -5.55 53.74
CA LEU C 173 1.87 -7.01 53.88
C LEU C 173 3.13 -7.70 54.46
N LEU C 174 4.30 -7.21 54.07
CA LEU C 174 5.55 -7.91 54.35
C LEU C 174 6.21 -7.45 55.61
N GLU C 175 5.96 -6.20 56.00
CA GLU C 175 6.57 -5.55 57.15
C GLU C 175 5.54 -5.30 58.25
N GLU C 176 4.46 -4.58 57.93
CA GLU C 176 3.51 -4.16 58.95
C GLU C 176 2.63 -5.30 59.42
N MET C 177 2.51 -6.40 58.68
CA MET C 177 1.72 -7.55 59.15
C MET C 177 2.65 -8.73 59.54
N ALA C 178 3.96 -8.50 59.61
CA ALA C 178 4.95 -9.59 59.73
C ALA C 178 5.00 -10.20 61.13
N ASP C 179 4.63 -9.38 62.11
CA ASP C 179 4.54 -9.82 63.50
C ASP C 179 3.28 -10.57 63.84
N TYR C 180 2.32 -10.73 62.94
CA TYR C 180 1.07 -11.43 63.28
C TYR C 180 1.27 -12.90 63.04
N GLY C 181 0.87 -13.74 63.99
CA GLY C 181 1.07 -15.17 63.90
C GLY C 181 -0.21 -15.94 63.74
N TYR C 182 -0.08 -17.26 63.87
CA TYR C 182 -1.17 -18.21 63.77
C TYR C 182 -2.33 -18.01 64.76
N ASP C 183 -2.11 -17.36 65.89
CA ASP C 183 -3.25 -17.05 66.80
C ASP C 183 -4.26 -16.12 66.09
N CYS C 184 -3.74 -15.11 65.39
CA CYS C 184 -4.60 -14.20 64.64
C CYS C 184 -5.14 -14.88 63.35
N TRP C 185 -4.23 -15.40 62.53
CA TRP C 185 -4.57 -15.83 61.17
C TRP C 185 -5.51 -17.02 61.22
N GLY C 186 -5.30 -17.91 62.19
CA GLY C 186 -6.18 -19.04 62.36
C GLY C 186 -7.56 -18.65 62.83
N ARG C 187 -7.60 -17.67 63.73
CA ARG C 187 -8.85 -17.02 64.14
C ARG C 187 -9.63 -16.33 63.00
N SER C 188 -8.91 -15.55 62.20
CA SER C 188 -9.55 -14.82 61.07
C SER C 188 -10.24 -15.87 60.16
N GLY C 189 -9.54 -16.96 59.99
CA GLY C 189 -10.05 -18.09 59.21
C GLY C 189 -11.31 -18.61 59.76
N ARG C 190 -11.38 -18.82 61.07
CA ARG C 190 -12.59 -19.41 61.68
C ARG C 190 -13.73 -18.45 61.67
N VAL C 191 -13.43 -17.24 62.10
CA VAL C 191 -14.45 -16.23 62.19
C VAL C 191 -15.06 -15.90 60.77
N ILE C 192 -14.22 -15.77 59.74
CA ILE C 192 -14.70 -15.40 58.38
C ILE C 192 -15.53 -16.52 57.81
N GLU C 193 -14.99 -17.72 57.89
CA GLU C 193 -15.68 -18.91 57.45
C GLU C 193 -16.98 -19.09 58.19
N ASP C 194 -16.97 -18.92 59.50
CA ASP C 194 -18.18 -18.97 60.29
C ASP C 194 -19.19 -17.88 59.89
N ALA C 195 -18.72 -16.64 59.67
CA ALA C 195 -19.57 -15.50 59.30
C ALA C 195 -20.34 -15.74 58.00
N TYR C 196 -19.65 -16.17 56.96
CA TYR C 196 -20.33 -16.53 55.70
C TYR C 196 -21.35 -17.62 55.95
N GLY C 197 -20.93 -18.69 56.63
CA GLY C 197 -21.81 -19.84 56.92
C GLY C 197 -23.12 -19.43 57.57
N ARG C 198 -23.03 -18.58 58.60
CA ARG C 198 -24.21 -18.18 59.38
C ARG C 198 -25.02 -16.97 58.85
N ASN C 199 -24.39 -16.06 58.10
CA ASN C 199 -25.11 -14.94 57.48
C ASN C 199 -25.30 -15.10 55.93
N GLY C 200 -24.68 -16.12 55.34
CA GLY C 200 -24.77 -16.36 53.92
C GLY C 200 -23.72 -15.56 53.13
N SER C 201 -23.81 -14.24 53.20
CA SER C 201 -22.90 -13.38 52.53
C SER C 201 -23.03 -11.99 53.09
N PRO C 202 -22.06 -11.11 52.83
CA PRO C 202 -22.20 -9.72 53.20
C PRO C 202 -23.49 -9.03 52.74
N MET C 203 -23.93 -9.40 51.53
CA MET C 203 -25.11 -8.84 50.93
C MET C 203 -26.35 -9.28 51.63
N GLN C 204 -26.45 -10.59 51.89
CA GLN C 204 -27.59 -11.13 52.64
CA GLN C 204 -27.61 -11.10 52.66
C GLN C 204 -27.62 -10.51 54.08
N MET C 205 -26.47 -10.42 54.74
CA MET C 205 -26.41 -9.76 56.05
C MET C 205 -26.91 -8.32 55.99
N MET C 206 -26.48 -7.56 54.98
CA MET C 206 -26.89 -6.15 54.85
C MET C 206 -28.38 -5.97 54.60
N ALA C 207 -28.90 -6.74 53.66
CA ALA C 207 -30.32 -6.79 53.33
C ALA C 207 -31.17 -7.16 54.55
N ASN C 208 -30.60 -7.95 55.46
CA ASN C 208 -31.30 -8.39 56.67
C ASN C 208 -31.24 -7.43 57.84
N LEU C 209 -30.77 -6.19 57.65
CA LEU C 209 -30.71 -5.21 58.75
C LEU C 209 -32.13 -4.82 59.11
N THR C 210 -32.42 -4.72 60.42
CA THR C 210 -33.70 -4.18 60.89
C THR C 210 -33.97 -2.82 60.32
N LYS C 211 -32.96 -1.95 60.32
CA LYS C 211 -33.08 -0.62 59.75
C LYS C 211 -32.05 -0.43 58.62
N THR C 212 -32.48 -0.64 57.37
CA THR C 212 -31.60 -0.50 56.24
C THR C 212 -31.35 0.98 56.08
N ARG C 213 -30.18 1.32 55.54
CA ARG C 213 -29.71 2.70 55.39
C ARG C 213 -28.59 2.77 54.30
N PRO C 214 -28.22 4.00 53.88
CA PRO C 214 -27.22 4.12 52.83
C PRO C 214 -25.89 3.37 53.11
N ILE C 215 -25.59 2.38 52.27
CA ILE C 215 -24.30 1.71 52.34
C ILE C 215 -23.64 1.76 50.96
N ARG C 216 -22.40 2.22 50.86
CA ARG C 216 -21.67 2.16 49.58
C ARG C 216 -20.49 1.16 49.65
N HIS C 217 -20.43 0.22 48.67
CA HIS C 217 -19.28 -0.67 48.52
C HIS C 217 -18.27 -0.06 47.53
N ILE C 218 -17.08 0.37 48.02
CA ILE C 218 -16.03 0.93 47.15
C ILE C 218 -14.90 -0.08 47.07
N PHE C 219 -14.58 -0.50 45.85
CA PHE C 219 -13.60 -1.61 45.64
C PHE C 219 -12.84 -1.50 44.33
N SER C 220 -11.71 -2.20 44.33
CA SER C 220 -10.85 -2.36 43.16
C SER C 220 -10.74 -3.82 42.70
N GLN C 221 -10.87 -4.78 43.58
CA GLN C 221 -10.92 -6.16 43.14
C GLN C 221 -12.09 -6.86 43.81
N PRO C 222 -12.50 -8.05 43.30
CA PRO C 222 -12.15 -8.65 42.03
C PRO C 222 -12.47 -7.74 40.84
N THR C 223 -11.65 -7.83 39.78
CA THR C 223 -11.67 -6.91 38.66
C THR C 223 -12.60 -7.38 37.55
N GLU C 224 -13.15 -8.58 37.67
CA GLU C 224 -13.92 -9.17 36.59
C GLU C 224 -15.29 -8.56 36.50
N PRO C 225 -15.86 -8.56 35.29
CA PRO C 225 -17.25 -8.08 35.07
C PRO C 225 -18.34 -8.89 35.76
N GLU C 226 -18.14 -10.17 36.03
CA GLU C 226 -19.15 -10.92 36.81
C GLU C 226 -19.27 -10.36 38.26
N TYR C 227 -18.18 -9.78 38.78
CA TYR C 227 -18.21 -9.24 40.14
C TYR C 227 -18.91 -7.91 40.14
N GLU C 228 -18.55 -7.04 39.18
CA GLU C 228 -19.27 -5.79 39.07
C GLU C 228 -20.79 -6.02 38.94
N LYS C 229 -21.16 -7.08 38.20
CA LYS C 229 -22.57 -7.43 37.98
C LYS C 229 -23.31 -7.85 39.25
N ILE C 230 -22.70 -8.57 40.17
CA ILE C 230 -23.41 -8.84 41.43
C ILE C 230 -23.63 -7.52 42.21
N ASN C 231 -22.66 -6.60 42.13
CA ASN C 231 -22.77 -5.31 42.76
C ASN C 231 -23.85 -4.46 42.10
N SER C 232 -23.89 -4.42 40.77
CA SER C 232 -24.96 -3.64 40.06
C SER C 232 -26.33 -4.24 40.26
N ASP C 233 -26.44 -5.58 40.29
CA ASP C 233 -27.74 -6.24 40.56
C ASP C 233 -28.26 -6.03 41.96
N PHE C 234 -27.37 -6.08 42.95
CA PHE C 234 -27.76 -5.78 44.32
C PHE C 234 -28.24 -4.31 44.40
N ALA C 235 -27.53 -3.41 43.70
CA ALA C 235 -27.88 -1.99 43.75
C ALA C 235 -29.21 -1.70 43.09
N GLU C 236 -29.51 -2.43 42.01
CA GLU C 236 -30.80 -2.30 41.32
C GLU C 236 -31.95 -2.66 42.26
N GLN C 237 -31.74 -3.74 42.99
CA GLN C 237 -32.71 -4.28 43.93
C GLN C 237 -32.88 -3.45 45.22
N HIS C 238 -31.90 -2.62 45.56
CA HIS C 238 -31.87 -1.96 46.86
C HIS C 238 -31.51 -0.49 46.76
N PRO C 239 -32.49 0.40 47.00
CA PRO C 239 -32.30 1.83 46.86
C PRO C 239 -31.14 2.33 47.72
N TRP C 240 -30.96 1.72 48.90
CA TRP C 240 -29.99 2.17 49.88
C TRP C 240 -28.56 1.70 49.56
N PHE C 241 -28.42 0.77 48.62
CA PHE C 241 -27.11 0.28 48.27
C PHE C 241 -26.57 0.96 47.03
N SER C 242 -25.31 1.36 47.09
CA SER C 242 -24.55 1.81 45.95
C SER C 242 -23.12 1.20 45.94
N TYR C 243 -22.44 1.33 44.79
CA TYR C 243 -21.04 0.95 44.71
C TYR C 243 -20.25 1.88 43.79
N ALA C 244 -18.92 1.83 43.93
CA ALA C 244 -18.02 2.52 43.05
C ALA C 244 -16.77 1.70 42.85
N LYS C 245 -16.48 1.39 41.61
CA LYS C 245 -15.25 0.70 41.27
C LYS C 245 -14.12 1.72 41.13
N LEU C 246 -13.14 1.58 41.99
CA LEU C 246 -12.13 2.59 42.14
C LEU C 246 -10.97 2.40 41.19
N GLY C 247 -10.77 1.19 40.68
CA GLY C 247 -9.74 0.94 39.67
C GLY C 247 -8.32 1.06 40.20
N GLY C 248 -8.09 0.78 41.49
CA GLY C 248 -6.73 0.81 42.03
C GLY C 248 -6.13 -0.55 41.79
N PRO C 249 -4.80 -0.70 41.98
CA PRO C 249 -4.14 -1.95 41.64
C PRO C 249 -4.44 -3.11 42.60
N THR C 250 -4.69 -2.86 43.89
CA THR C 250 -4.73 -3.89 44.92
C THR C 250 -6.02 -3.95 45.75
N HIS C 251 -6.09 -5.04 46.51
CA HIS C 251 -7.10 -5.22 47.59
C HIS C 251 -7.12 -4.11 48.63
N PHE C 252 -6.16 -3.17 48.62
CA PHE C 252 -6.09 -2.08 49.63
C PHE C 252 -6.21 -0.67 49.05
N PRO C 253 -7.46 -0.25 48.67
CA PRO C 253 -7.69 1.13 48.23
C PRO C 253 -7.29 2.19 49.24
N ALA C 254 -7.43 1.87 50.52
CA ALA C 254 -7.08 2.80 51.57
C ALA C 254 -5.60 3.18 51.44
N ILE C 255 -4.76 2.24 50.95
CA ILE C 255 -3.33 2.46 50.79
C ILE C 255 -2.96 2.99 49.40
N ASP C 256 -3.48 2.33 48.36
CA ASP C 256 -3.08 2.65 46.99
C ASP C 256 -3.95 3.66 46.24
N VAL C 257 -5.17 3.98 46.69
CA VAL C 257 -5.93 5.13 46.14
C VAL C 257 -6.62 5.89 47.26
N PRO C 258 -5.82 6.49 48.19
CA PRO C 258 -6.39 7.10 49.37
C PRO C 258 -7.22 8.30 49.09
N ASP C 259 -6.83 9.09 48.11
CA ASP C 259 -7.61 10.27 47.72
C ASP C 259 -9.01 9.87 47.26
N ARG C 260 -9.13 8.77 46.51
CA ARG C 260 -10.45 8.32 46.04
C ARG C 260 -11.32 7.78 47.18
N ALA C 261 -10.71 7.05 48.10
CA ALA C 261 -11.51 6.53 49.23
C ALA C 261 -12.09 7.64 50.08
N ALA C 262 -11.24 8.66 50.32
CA ALA C 262 -11.59 9.89 51.03
C ALA C 262 -12.78 10.62 50.44
N VAL C 263 -12.79 10.73 49.13
CA VAL C 263 -13.84 11.46 48.38
C VAL C 263 -15.22 10.80 48.58
N HIS C 264 -15.26 9.49 48.75
CA HIS C 264 -16.55 8.84 49.02
C HIS C 264 -16.92 8.97 50.50
N ILE C 265 -15.92 8.93 51.37
CA ILE C 265 -16.15 9.11 52.78
C ILE C 265 -16.64 10.55 53.07
N ARG C 266 -16.02 11.53 52.40
CA ARG C 266 -16.47 12.92 52.52
C ARG C 266 -17.88 13.08 52.04
N GLU C 267 -18.25 12.42 50.96
CA GLU C 267 -19.56 12.64 50.35
C GLU C 267 -20.63 12.18 51.37
N PHE C 268 -20.41 10.97 51.89
CA PHE C 268 -21.26 10.39 52.91
C PHE C 268 -21.28 11.25 54.21
N ALA C 269 -20.12 11.78 54.62
CA ALA C 269 -20.06 12.66 55.81
C ALA C 269 -20.88 13.92 55.61
N THR C 270 -20.77 14.52 54.42
CA THR C 270 -21.56 15.70 54.03
C THR C 270 -23.06 15.45 53.91
N ALA C 271 -23.48 14.25 53.51
CA ALA C 271 -24.87 13.89 53.51
C ALA C 271 -25.43 13.83 54.95
N ILE C 272 -24.65 13.30 55.88
CA ILE C 272 -25.06 13.22 57.28
C ILE C 272 -25.25 14.66 57.83
N ARG C 273 -24.37 15.58 57.43
CA ARG C 273 -24.44 16.99 57.82
C ARG C 273 -25.58 17.81 57.24
N GLN C 274 -26.35 17.26 56.32
CA GLN C 274 -27.50 17.94 55.77
C GLN C 274 -28.76 17.12 55.98
N THR D 2 43.22 -7.02 -21.56
CA THR D 2 43.35 -8.30 -22.35
C THR D 2 43.43 -9.49 -21.41
N ASP D 3 44.53 -9.53 -20.62
CA ASP D 3 44.61 -10.27 -19.36
C ASP D 3 44.73 -9.25 -18.20
N THR D 4 44.71 -7.97 -18.56
CA THR D 4 44.41 -6.82 -17.67
C THR D 4 43.10 -7.04 -16.86
N TYR D 5 41.99 -7.22 -17.59
CA TYR D 5 40.58 -7.35 -17.15
C TYR D 5 40.26 -8.70 -16.52
N LEU D 6 41.27 -9.55 -16.35
CA LEU D 6 41.09 -10.93 -15.89
C LEU D 6 40.88 -11.00 -14.38
N HIS D 7 39.80 -11.65 -13.94
CA HIS D 7 39.49 -11.79 -12.52
C HIS D 7 39.32 -13.26 -12.18
N GLU D 8 39.26 -13.55 -10.87
CA GLU D 8 38.88 -14.87 -10.37
C GLU D 8 37.87 -14.70 -9.25
N THR D 9 36.82 -15.51 -9.23
CA THR D 9 35.86 -15.49 -8.11
C THR D 9 35.40 -16.90 -7.80
N LEU D 10 34.84 -17.08 -6.62
CA LEU D 10 34.33 -18.38 -6.18
C LEU D 10 32.88 -18.44 -6.63
N VAL D 11 32.47 -19.55 -7.25
CA VAL D 11 31.12 -19.70 -7.81
C VAL D 11 30.59 -21.04 -7.32
N PHE D 12 29.71 -21.00 -6.33
CA PHE D 12 29.35 -22.23 -5.62
C PHE D 12 30.67 -22.93 -5.26
N ASP D 13 30.78 -24.20 -5.59
CA ASP D 13 32.03 -24.94 -5.30
C ASP D 13 33.35 -24.35 -5.87
N ASN D 14 33.33 -23.80 -7.09
CA ASN D 14 34.55 -23.64 -7.86
C ASN D 14 35.03 -22.22 -8.05
N LYS D 15 36.36 -22.08 -8.12
CA LYS D 15 36.97 -20.80 -8.50
C LYS D 15 37.00 -20.71 -10.03
N LEU D 16 36.38 -19.66 -10.59
CA LEU D 16 36.31 -19.48 -12.02
C LEU D 16 36.96 -18.16 -12.38
N SER D 17 37.71 -18.16 -13.47
CA SER D 17 38.16 -16.90 -14.03
C SER D 17 37.11 -16.31 -14.97
N TYR D 18 37.23 -15.03 -15.24
CA TYR D 18 36.31 -14.35 -16.09
C TYR D 18 36.94 -13.01 -16.47
N ILE D 19 36.58 -12.51 -17.64
CA ILE D 19 36.98 -11.16 -18.06
C ILE D 19 35.83 -10.26 -17.67
N ASP D 20 36.18 -9.04 -17.30
CA ASP D 20 35.21 -7.99 -17.07
C ASP D 20 35.99 -6.72 -17.17
N ASN D 21 35.69 -5.90 -18.18
CA ASN D 21 36.38 -4.63 -18.34
C ASN D 21 35.79 -3.57 -17.41
N GLN D 22 34.74 -3.92 -16.67
CA GLN D 22 34.11 -3.00 -15.72
C GLN D 22 33.78 -1.64 -16.27
N ARG D 23 33.60 -1.53 -17.59
CA ARG D 23 33.24 -0.25 -18.20
C ARG D 23 31.94 0.25 -17.59
N ASP D 24 31.91 1.54 -17.21
CA ASP D 24 30.68 2.16 -16.70
C ASP D 24 29.90 2.82 -17.84
N THR D 25 28.98 2.06 -18.43
CA THR D 25 28.24 2.52 -19.59
C THR D 25 26.79 2.08 -19.59
N ASP D 26 26.04 2.59 -20.55
CA ASP D 26 24.66 2.14 -20.80
C ASP D 26 24.64 0.66 -21.20
N GLY D 27 23.63 -0.05 -20.72
CA GLY D 27 23.44 -1.45 -21.07
C GLY D 27 22.97 -1.60 -22.51
N PRO D 28 22.85 -2.85 -22.98
CA PRO D 28 23.09 -4.08 -22.20
C PRO D 28 24.56 -4.43 -22.09
N ALA D 29 24.90 -5.32 -21.13
CA ALA D 29 26.25 -5.89 -21.09
C ALA D 29 26.38 -6.88 -22.25
N ILE D 30 27.59 -7.10 -22.71
CA ILE D 30 27.84 -8.15 -23.69
C ILE D 30 28.53 -9.34 -23.03
N LEU D 31 27.82 -10.46 -23.01
CA LEU D 31 28.31 -11.68 -22.38
C LEU D 31 28.85 -12.59 -23.53
N LEU D 32 30.16 -12.58 -23.70
CA LEU D 32 30.85 -13.44 -24.66
C LEU D 32 31.07 -14.81 -24.02
N LEU D 33 30.50 -15.85 -24.64
CA LEU D 33 30.49 -17.22 -24.11
C LEU D 33 31.42 -18.18 -24.88
N PRO D 34 32.47 -18.72 -24.20
CA PRO D 34 33.35 -19.63 -24.87
C PRO D 34 32.73 -21.04 -25.14
N GLY D 35 33.21 -21.72 -26.15
CA GLY D 35 32.79 -23.09 -26.38
C GLY D 35 33.51 -24.01 -25.45
N TRP D 36 33.56 -25.29 -25.78
CA TRP D 36 34.28 -26.28 -24.95
C TRP D 36 35.81 -26.26 -25.15
N CYS D 37 36.52 -26.45 -24.06
CA CYS D 37 37.97 -26.60 -24.05
C CYS D 37 38.75 -25.44 -24.62
N HIS D 38 38.21 -24.23 -24.55
CA HIS D 38 39.04 -23.05 -24.65
C HIS D 38 38.47 -21.99 -23.73
N ASP D 39 39.10 -20.83 -23.71
CA ASP D 39 38.77 -19.80 -22.76
C ASP D 39 38.70 -18.42 -23.37
N HIS D 40 38.57 -17.41 -22.53
CA HIS D 40 38.54 -15.99 -22.94
C HIS D 40 39.58 -15.52 -23.95
N ARG D 41 40.71 -16.23 -24.09
CA ARG D 41 41.73 -15.84 -25.11
C ARG D 41 41.17 -15.84 -26.59
N VAL D 42 40.19 -16.72 -26.88
CA VAL D 42 39.50 -16.75 -28.20
C VAL D 42 38.79 -15.44 -28.52
N TYR D 43 38.51 -14.67 -27.49
CA TYR D 43 37.81 -13.44 -27.65
C TYR D 43 38.64 -12.19 -27.58
N LYS D 44 39.96 -12.30 -27.46
CA LYS D 44 40.76 -11.11 -27.17
C LYS D 44 40.70 -9.99 -28.28
N TYR D 45 40.50 -10.36 -29.54
CA TYR D 45 40.36 -9.35 -30.62
C TYR D 45 38.96 -8.75 -30.61
N LEU D 46 37.97 -9.60 -30.32
CA LEU D 46 36.60 -9.16 -30.21
C LEU D 46 36.43 -8.18 -29.04
N ILE D 47 37.01 -8.52 -27.89
CA ILE D 47 37.02 -7.59 -26.76
C ILE D 47 37.55 -6.23 -27.20
N GLN D 48 38.66 -6.19 -27.91
CA GLN D 48 39.23 -4.91 -28.33
C GLN D 48 38.23 -4.05 -29.13
N GLU D 49 37.48 -4.70 -30.04
CA GLU D 49 36.52 -4.00 -30.88
C GLU D 49 35.40 -3.34 -30.05
N LEU D 50 35.01 -4.02 -28.98
CA LEU D 50 33.84 -3.64 -28.20
C LEU D 50 34.20 -2.86 -26.91
N ASP D 51 35.49 -2.86 -26.55
CA ASP D 51 35.99 -2.42 -25.21
C ASP D 51 35.53 -1.03 -24.78
N ALA D 52 35.66 -0.05 -25.67
CA ALA D 52 35.24 1.32 -25.38
C ALA D 52 33.78 1.41 -24.97
N ASP D 53 32.86 0.87 -25.78
CA ASP D 53 31.45 1.32 -25.79
C ASP D 53 30.51 0.42 -24.98
N PHE D 54 31.02 -0.73 -24.58
CA PHE D 54 30.23 -1.70 -23.84
C PHE D 54 31.02 -2.21 -22.67
N ARG D 55 30.27 -2.69 -21.70
CA ARG D 55 30.81 -3.57 -20.69
C ARG D 55 30.84 -4.99 -21.28
N VAL D 56 31.98 -5.67 -21.14
CA VAL D 56 32.23 -6.97 -21.77
C VAL D 56 32.59 -7.96 -20.66
N ILE D 57 31.77 -9.01 -20.49
CA ILE D 57 32.04 -10.10 -19.56
C ILE D 57 32.30 -11.39 -20.36
N VAL D 58 33.28 -12.19 -19.92
CA VAL D 58 33.57 -13.49 -20.49
C VAL D 58 33.79 -14.55 -19.36
N PRO D 59 32.85 -15.44 -19.16
CA PRO D 59 33.11 -16.42 -18.10
C PRO D 59 33.89 -17.61 -18.61
N ASN D 60 34.82 -18.10 -17.80
CA ASN D 60 35.44 -19.38 -18.05
C ASN D 60 34.74 -20.51 -17.35
N TRP D 61 34.55 -21.61 -18.05
CA TRP D 61 33.82 -22.72 -17.47
C TRP D 61 34.68 -23.45 -16.43
N ARG D 62 34.06 -24.38 -15.71
CA ARG D 62 34.80 -25.16 -14.71
C ARG D 62 35.95 -25.96 -15.37
N GLY D 63 37.17 -25.80 -14.86
CA GLY D 63 38.33 -26.50 -15.36
C GLY D 63 38.98 -25.85 -16.56
N HIS D 64 38.50 -24.66 -16.91
CA HIS D 64 38.92 -23.89 -18.10
C HIS D 64 39.64 -22.67 -17.61
N GLY D 65 40.64 -22.24 -18.34
CA GLY D 65 41.38 -21.03 -17.99
C GLY D 65 42.82 -21.15 -18.41
N LEU D 66 43.62 -20.13 -18.05
CA LEU D 66 45.09 -20.13 -18.28
C LEU D 66 45.73 -21.38 -17.67
N SER D 67 45.09 -21.88 -16.60
CA SER D 67 45.52 -23.10 -15.97
C SER D 67 44.34 -24.11 -15.87
N PRO D 68 44.13 -24.89 -16.94
CA PRO D 68 43.08 -25.89 -16.93
C PRO D 68 43.25 -26.85 -15.76
N SER D 69 42.16 -27.38 -15.23
CA SER D 69 42.25 -28.45 -14.24
C SER D 69 41.10 -29.48 -14.33
N GLU D 70 41.35 -30.69 -13.84
CA GLU D 70 40.29 -31.69 -13.76
C GLU D 70 39.22 -31.22 -12.75
N VAL D 71 37.96 -31.42 -13.10
CA VAL D 71 36.85 -31.03 -12.25
C VAL D 71 35.82 -32.12 -12.40
N PRO D 72 34.87 -32.20 -11.46
CA PRO D 72 33.78 -33.19 -11.61
C PRO D 72 32.87 -32.94 -12.83
N ASP D 73 32.20 -33.99 -13.30
CA ASP D 73 31.45 -33.94 -14.52
C ASP D 73 30.35 -32.94 -14.39
N PHE D 74 30.07 -32.24 -15.49
CA PHE D 74 29.07 -31.18 -15.54
C PHE D 74 28.77 -30.94 -17.01
N GLY D 75 27.65 -30.27 -17.28
CA GLY D 75 27.18 -30.04 -18.65
C GLY D 75 26.75 -28.60 -18.81
N TYR D 76 25.92 -28.34 -19.81
CA TYR D 76 25.55 -26.97 -20.14
C TYR D 76 24.60 -26.33 -19.15
N GLN D 77 23.74 -27.11 -18.50
CA GLN D 77 22.85 -26.53 -17.47
C GLN D 77 23.67 -25.91 -16.34
N GLU D 78 24.80 -26.52 -16.02
CA GLU D 78 25.72 -26.00 -15.01
C GLU D 78 26.49 -24.77 -15.48
N GLN D 79 26.93 -24.81 -16.76
CA GLN D 79 27.53 -23.63 -17.38
C GLN D 79 26.59 -22.43 -17.27
N VAL D 80 25.31 -22.63 -17.58
CA VAL D 80 24.30 -21.55 -17.46
C VAL D 80 24.25 -20.98 -16.01
N LYS D 81 24.14 -21.87 -15.02
CA LYS D 81 24.06 -21.42 -13.59
C LYS D 81 25.34 -20.65 -13.21
N ASP D 82 26.49 -21.14 -13.69
CA ASP D 82 27.72 -20.44 -13.41
C ASP D 82 27.69 -19.03 -14.01
N ALA D 83 27.22 -18.92 -15.26
CA ALA D 83 27.16 -17.64 -15.96
C ALA D 83 26.26 -16.64 -15.21
N LEU D 84 25.09 -17.09 -14.82
CA LEU D 84 24.14 -16.22 -14.11
C LEU D 84 24.67 -15.78 -12.75
N GLU D 85 25.33 -16.68 -12.05
CA GLU D 85 25.89 -16.39 -10.76
C GLU D 85 26.99 -15.36 -10.88
N ILE D 86 27.81 -15.45 -11.93
CA ILE D 86 28.82 -14.40 -12.17
C ILE D 86 28.14 -13.06 -12.49
N LEU D 87 26.98 -13.11 -13.15
CA LEU D 87 26.24 -11.92 -13.50
C LEU D 87 25.60 -11.27 -12.27
N ASP D 88 25.14 -12.09 -11.34
CA ASP D 88 24.59 -11.63 -10.05
C ASP D 88 25.68 -10.92 -9.24
N GLN D 89 26.71 -11.67 -8.87
CA GLN D 89 27.89 -11.07 -8.23
C GLN D 89 28.35 -9.73 -8.88
N LEU D 90 28.23 -9.58 -10.20
CA LEU D 90 28.63 -8.32 -10.86
C LEU D 90 27.52 -7.27 -10.86
N GLY D 91 26.31 -7.63 -10.43
CA GLY D 91 25.19 -6.68 -10.49
C GLY D 91 24.78 -6.35 -11.90
N VAL D 92 25.04 -7.28 -12.83
CA VAL D 92 24.59 -7.09 -14.24
C VAL D 92 23.14 -7.54 -14.37
N GLU D 93 22.30 -6.67 -14.90
CA GLU D 93 20.88 -6.99 -15.08
C GLU D 93 20.60 -7.52 -16.48
N THR D 94 20.79 -6.63 -17.47
CA THR D 94 20.47 -6.90 -18.85
C THR D 94 21.77 -7.27 -19.62
N PHE D 95 21.72 -8.34 -20.38
CA PHE D 95 22.86 -8.76 -21.17
C PHE D 95 22.47 -9.26 -22.56
N LEU D 96 23.37 -9.02 -23.52
CA LEU D 96 23.33 -9.64 -24.84
C LEU D 96 24.40 -10.73 -24.91
N PRO D 97 23.98 -12.00 -24.86
CA PRO D 97 24.92 -13.09 -24.97
C PRO D 97 25.33 -13.32 -26.42
N VAL D 98 26.60 -13.68 -26.60
CA VAL D 98 27.22 -14.01 -27.89
C VAL D 98 28.04 -15.31 -27.66
N SER D 99 27.68 -16.40 -28.32
CA SER D 99 28.39 -17.67 -28.14
C SER D 99 29.28 -18.07 -29.30
N HIS D 100 30.23 -18.94 -29.01
CA HIS D 100 31.05 -19.57 -30.01
C HIS D 100 30.69 -21.02 -30.05
N SER D 101 30.50 -21.52 -31.26
CA SER D 101 30.18 -22.91 -31.49
C SER D 101 29.25 -23.45 -30.36
N HIS D 102 29.69 -24.52 -29.70
CA HIS D 102 28.87 -25.27 -28.76
C HIS D 102 28.67 -24.61 -27.38
N GLY D 103 29.30 -23.44 -27.24
CA GLY D 103 28.85 -22.45 -26.31
C GLY D 103 27.40 -22.11 -26.55
N GLY D 104 26.85 -22.45 -27.72
CA GLY D 104 25.50 -22.06 -28.08
C GLY D 104 24.44 -22.72 -27.24
N TRP D 105 24.72 -23.94 -26.77
CA TRP D 105 23.80 -24.66 -25.95
C TRP D 105 23.59 -23.88 -24.66
N VAL D 106 24.69 -23.34 -24.11
CA VAL D 106 24.62 -22.45 -22.93
C VAL D 106 23.87 -21.17 -23.28
N LEU D 107 24.06 -20.64 -24.47
CA LEU D 107 23.34 -19.39 -24.81
C LEU D 107 21.81 -19.54 -24.86
N VAL D 108 21.32 -20.65 -25.41
CA VAL D 108 19.88 -20.84 -25.64
C VAL D 108 19.18 -21.18 -24.32
N GLU D 109 19.84 -21.99 -23.50
CA GLU D 109 19.33 -22.28 -22.16
C GLU D 109 19.42 -21.04 -21.27
N LEU D 110 20.40 -20.18 -21.49
CA LEU D 110 20.48 -18.91 -20.76
C LEU D 110 19.35 -17.99 -21.15
N LEU D 111 19.05 -17.95 -22.45
CA LEU D 111 17.92 -17.16 -22.91
C LEU D 111 16.65 -17.65 -22.18
N GLU D 112 16.46 -18.97 -22.11
CA GLU D 112 15.26 -19.58 -21.53
C GLU D 112 15.10 -19.22 -20.05
N GLN D 113 16.16 -19.45 -19.29
CA GLN D 113 16.12 -19.27 -17.84
C GLN D 113 16.23 -17.83 -17.39
N ALA D 114 16.99 -16.99 -18.09
CA ALA D 114 16.97 -15.58 -17.75
C ALA D 114 15.82 -14.78 -18.40
N GLY D 115 15.19 -15.34 -19.45
CA GLY D 115 14.03 -14.66 -20.08
C GLY D 115 14.30 -13.35 -20.84
N PRO D 116 13.31 -12.87 -21.60
CA PRO D 116 13.48 -11.82 -22.59
C PRO D 116 13.58 -10.37 -22.09
N GLU D 117 13.42 -10.15 -20.80
CA GLU D 117 13.63 -8.80 -20.26
C GLU D 117 15.09 -8.65 -19.91
N ARG D 118 15.64 -9.64 -19.23
CA ARG D 118 17.06 -9.72 -18.99
C ARG D 118 17.91 -9.96 -20.28
N ALA D 119 17.49 -10.96 -21.07
CA ALA D 119 18.20 -11.42 -22.27
C ALA D 119 17.27 -11.35 -23.50
N PRO D 120 17.08 -10.14 -24.06
CA PRO D 120 16.11 -9.95 -25.13
C PRO D 120 16.52 -10.46 -26.52
N ARG D 121 17.80 -10.74 -26.69
CA ARG D 121 18.33 -11.22 -27.95
C ARG D 121 19.56 -12.08 -27.71
N GLY D 122 20.04 -12.71 -28.78
CA GLY D 122 21.23 -13.54 -28.72
C GLY D 122 21.91 -13.60 -30.09
N ILE D 123 23.24 -13.69 -30.10
CA ILE D 123 24.01 -13.94 -31.32
C ILE D 123 24.77 -15.24 -31.13
N ILE D 124 24.56 -16.16 -32.06
CA ILE D 124 25.29 -17.41 -32.08
C ILE D 124 26.29 -17.40 -33.22
N MET D 125 27.56 -17.68 -32.90
CA MET D 125 28.61 -17.72 -33.93
C MET D 125 28.99 -19.12 -34.22
N ASP D 126 29.08 -19.43 -35.51
CA ASP D 126 29.61 -20.67 -36.05
C ASP D 126 29.28 -21.93 -35.28
N TRP D 127 28.01 -22.31 -35.33
CA TRP D 127 27.49 -23.44 -34.58
C TRP D 127 26.73 -24.39 -35.48
N LEU D 128 27.15 -25.65 -35.56
CA LEU D 128 26.60 -26.59 -36.51
C LEU D 128 25.09 -26.80 -36.29
N MET D 129 24.28 -26.19 -37.16
CA MET D 129 22.82 -26.08 -36.98
C MET D 129 22.10 -27.41 -37.13
N TRP D 130 22.63 -28.28 -37.98
CA TRP D 130 22.04 -29.57 -38.26
C TRP D 130 22.51 -30.66 -37.28
N ALA D 131 21.82 -31.79 -37.28
CA ALA D 131 22.29 -32.95 -36.53
C ALA D 131 23.62 -33.43 -37.08
N PRO D 132 24.47 -34.00 -36.20
CA PRO D 132 25.81 -34.39 -36.66
C PRO D 132 25.77 -35.21 -37.97
N LYS D 133 26.60 -34.81 -38.92
CA LYS D 133 26.95 -35.62 -40.10
C LYS D 133 28.03 -36.67 -39.76
N PRO D 134 28.18 -37.71 -40.60
CA PRO D 134 29.04 -38.81 -40.13
C PRO D 134 30.44 -38.40 -39.63
N ASP D 135 31.07 -37.44 -40.30
CA ASP D 135 32.42 -37.01 -39.91
C ASP D 135 32.51 -36.33 -38.54
N PHE D 136 31.55 -35.47 -38.27
CA PHE D 136 31.48 -34.85 -36.98
C PHE D 136 31.10 -35.93 -35.93
N ALA D 137 30.12 -36.79 -36.25
CA ALA D 137 29.71 -37.85 -35.28
C ALA D 137 30.97 -38.65 -34.94
N LYS D 138 31.82 -38.86 -35.93
CA LYS D 138 33.03 -39.63 -35.69
C LYS D 138 33.95 -38.89 -34.72
N SER D 139 34.12 -37.58 -34.97
CA SER D 139 35.00 -36.77 -34.14
C SER D 139 34.62 -36.85 -32.69
N LEU D 140 33.31 -36.81 -32.43
CA LEU D 140 32.82 -36.90 -31.07
C LEU D 140 33.20 -38.26 -30.47
N THR D 141 33.00 -39.33 -31.26
CA THR D 141 33.35 -40.68 -30.91
C THR D 141 34.79 -40.74 -30.45
N LEU D 142 35.67 -40.18 -31.26
CA LEU D 142 37.09 -40.09 -30.95
C LEU D 142 37.48 -39.26 -29.75
N LEU D 143 36.75 -38.18 -29.49
CA LEU D 143 37.05 -37.34 -28.36
C LEU D 143 36.73 -38.09 -27.04
N LYS D 144 35.72 -38.95 -27.09
CA LYS D 144 35.23 -39.64 -25.88
C LYS D 144 36.14 -40.83 -25.49
N ASP D 145 36.99 -41.24 -26.43
CA ASP D 145 37.83 -42.41 -26.29
C ASP D 145 39.24 -42.08 -25.77
N PRO D 146 39.59 -42.54 -24.57
CA PRO D 146 40.85 -42.11 -23.92
C PRO D 146 42.14 -42.52 -24.64
N GLU D 147 41.98 -43.38 -25.66
CA GLU D 147 43.07 -43.83 -26.52
C GLU D 147 43.26 -43.02 -27.83
N ARG D 148 42.25 -42.21 -28.14
CA ARG D 148 42.23 -41.50 -29.42
C ARG D 148 41.74 -40.05 -29.35
N TRP D 149 41.70 -39.47 -28.16
CA TRP D 149 41.11 -38.14 -28.04
C TRP D 149 41.96 -37.09 -28.80
N ARG D 150 43.29 -37.26 -28.74
CA ARG D 150 44.17 -36.27 -29.34
C ARG D 150 44.08 -36.36 -30.88
N GLU D 151 43.93 -37.56 -31.39
CA GLU D 151 43.64 -37.77 -32.77
C GLU D 151 42.31 -37.09 -33.09
N GLY D 152 41.33 -37.25 -32.19
CA GLY D 152 40.07 -36.54 -32.25
C GLY D 152 40.20 -35.05 -32.52
N THR D 153 40.99 -34.37 -31.68
CA THR D 153 41.14 -32.91 -31.74
C THR D 153 41.82 -32.46 -33.03
N HIS D 154 42.77 -33.27 -33.46
CA HIS D 154 43.57 -33.00 -34.65
C HIS D 154 42.74 -32.99 -35.88
N GLY D 155 41.79 -33.94 -35.96
CA GLY D 155 40.82 -33.95 -37.04
C GLY D 155 39.90 -32.74 -37.05
N LEU D 156 39.49 -32.28 -35.87
CA LEU D 156 38.69 -31.08 -35.72
C LEU D 156 39.50 -29.84 -36.11
N PHE D 157 40.76 -29.78 -35.67
CA PHE D 157 41.61 -28.63 -36.04
C PHE D 157 41.72 -28.56 -37.55
N ASP D 158 41.91 -29.70 -38.23
CA ASP D 158 41.88 -29.73 -39.70
C ASP D 158 40.61 -29.09 -40.29
N VAL D 159 39.43 -29.55 -39.83
CA VAL D 159 38.15 -29.06 -40.28
C VAL D 159 38.03 -27.59 -40.01
N TRP D 160 38.48 -27.16 -38.86
CA TRP D 160 38.31 -25.80 -38.47
C TRP D 160 39.17 -24.81 -39.25
N LEU D 161 40.39 -25.24 -39.60
CA LEU D 161 41.31 -24.35 -40.27
C LEU D 161 40.98 -24.34 -41.76
N ASP D 162 40.36 -25.46 -42.22
CA ASP D 162 39.81 -25.60 -43.58
C ASP D 162 40.84 -25.24 -44.65
N GLY D 163 42.06 -25.74 -44.49
CA GLY D 163 43.11 -25.60 -45.49
C GLY D 163 43.78 -24.24 -45.46
N HIS D 164 43.48 -23.45 -44.46
CA HIS D 164 44.09 -22.13 -44.38
C HIS D 164 45.30 -22.06 -43.44
N ASP D 165 46.34 -21.36 -43.87
CA ASP D 165 47.46 -21.01 -43.01
C ASP D 165 47.12 -19.72 -42.30
N GLU D 166 46.14 -19.81 -41.40
CA GLU D 166 45.62 -18.66 -40.69
C GLU D 166 46.32 -18.56 -39.31
N LYS D 167 47.26 -17.62 -39.22
CA LYS D 167 48.26 -17.53 -38.18
C LYS D 167 47.67 -17.37 -36.78
N ARG D 168 46.65 -16.52 -36.68
CA ARG D 168 45.98 -16.28 -35.42
C ARG D 168 45.18 -17.46 -34.91
N VAL D 169 44.47 -18.16 -35.80
CA VAL D 169 43.64 -19.32 -35.44
C VAL D 169 44.55 -20.50 -35.10
N ARG D 170 45.61 -20.71 -35.88
CA ARG D 170 46.61 -21.73 -35.57
C ARG D 170 47.20 -21.56 -34.19
N HIS D 171 47.49 -20.31 -33.81
CA HIS D 171 47.97 -19.98 -32.51
C HIS D 171 46.99 -20.36 -31.43
N HIS D 172 45.71 -20.06 -31.66
CA HIS D 172 44.67 -20.37 -30.68
C HIS D 172 44.60 -21.86 -30.48
N LEU D 173 44.65 -22.64 -31.55
CA LEU D 173 44.48 -24.09 -31.46
C LEU D 173 45.74 -24.82 -30.87
N LEU D 174 46.91 -24.36 -31.25
CA LEU D 174 48.12 -25.10 -31.02
C LEU D 174 48.76 -24.67 -29.75
N GLU D 175 48.56 -23.43 -29.36
CA GLU D 175 49.18 -22.85 -28.18
C GLU D 175 48.11 -22.66 -27.07
N GLU D 176 47.07 -21.87 -27.35
CA GLU D 176 46.12 -21.48 -26.32
C GLU D 176 45.15 -22.60 -25.87
N MET D 177 45.03 -23.68 -26.64
CA MET D 177 44.27 -24.83 -26.21
C MET D 177 45.19 -26.04 -25.84
N ALA D 178 46.51 -25.83 -25.84
CA ALA D 178 47.43 -26.95 -25.79
C ALA D 178 47.41 -27.62 -24.41
N ASP D 179 47.09 -26.84 -23.38
CA ASP D 179 46.98 -27.34 -21.99
C ASP D 179 45.67 -28.06 -21.65
N TYR D 180 44.75 -28.15 -22.58
CA TYR D 180 43.53 -28.85 -22.28
C TYR D 180 43.63 -30.37 -22.59
N GLY D 181 43.26 -31.19 -21.62
CA GLY D 181 43.42 -32.62 -21.77
C GLY D 181 42.11 -33.36 -21.91
N TYR D 182 42.22 -34.68 -21.82
CA TYR D 182 41.09 -35.58 -22.00
C TYR D 182 39.90 -35.36 -21.07
N ASP D 183 40.15 -34.85 -19.85
CA ASP D 183 39.07 -34.51 -18.91
C ASP D 183 38.15 -33.49 -19.57
N CYS D 184 38.72 -32.50 -20.26
CA CYS D 184 37.85 -31.54 -20.99
C CYS D 184 37.26 -32.15 -22.26
N TRP D 185 38.14 -32.69 -23.11
CA TRP D 185 37.77 -33.02 -24.48
C TRP D 185 36.77 -34.16 -24.50
N GLY D 186 37.00 -35.12 -23.61
CA GLY D 186 36.10 -36.24 -23.47
C GLY D 186 34.72 -35.82 -23.00
N ARG D 187 34.69 -34.86 -22.07
CA ARG D 187 33.46 -34.23 -21.58
C ARG D 187 32.68 -33.43 -22.66
N SER D 188 33.41 -32.68 -23.47
CA SER D 188 32.81 -31.89 -24.55
C SER D 188 32.10 -32.86 -25.48
N GLY D 189 32.77 -33.96 -25.76
CA GLY D 189 32.23 -35.01 -26.55
C GLY D 189 30.93 -35.59 -26.03
N ARG D 190 30.90 -35.90 -24.73
CA ARG D 190 29.72 -36.50 -24.12
CA ARG D 190 29.73 -36.49 -24.09
C ARG D 190 28.61 -35.45 -24.05
N VAL D 191 28.94 -34.26 -23.61
CA VAL D 191 27.92 -33.23 -23.50
C VAL D 191 27.30 -32.85 -24.89
N ILE D 192 28.15 -32.63 -25.90
CA ILE D 192 27.66 -32.17 -27.23
C ILE D 192 26.82 -33.26 -27.85
N GLU D 193 27.33 -34.49 -27.79
CA GLU D 193 26.58 -35.64 -28.28
C GLU D 193 25.26 -35.72 -27.55
N ASP D 194 25.32 -35.67 -26.22
CA ASP D 194 24.10 -35.71 -25.39
C ASP D 194 23.14 -34.56 -25.70
N ALA D 195 23.69 -33.36 -25.89
CA ALA D 195 22.86 -32.20 -26.26
C ALA D 195 22.06 -32.37 -27.57
N TYR D 196 22.69 -32.82 -28.66
CA TYR D 196 21.98 -33.10 -29.93
C TYR D 196 20.92 -34.16 -29.66
N GLY D 197 21.33 -35.28 -29.06
CA GLY D 197 20.43 -36.41 -28.80
C GLY D 197 19.17 -35.94 -28.11
N ARG D 198 19.31 -35.14 -27.07
CA ARG D 198 18.14 -34.74 -26.27
C ARG D 198 17.40 -33.50 -26.69
N ASN D 199 18.01 -32.63 -27.48
CA ASN D 199 17.31 -31.46 -28.05
C ASN D 199 17.11 -31.53 -29.57
N GLY D 200 17.64 -32.57 -30.21
CA GLY D 200 17.55 -32.72 -31.66
C GLY D 200 18.67 -32.01 -32.39
N SER D 201 18.65 -30.67 -32.29
CA SER D 201 19.62 -29.82 -32.98
C SER D 201 19.49 -28.48 -32.32
N PRO D 202 20.45 -27.55 -32.53
CA PRO D 202 20.35 -26.15 -32.15
C PRO D 202 19.08 -25.39 -32.62
N MET D 203 18.61 -25.70 -33.82
CA MET D 203 17.43 -25.08 -34.39
C MET D 203 16.15 -25.56 -33.69
N GLN D 204 16.06 -26.86 -33.44
CA GLN D 204 14.97 -27.44 -32.63
C GLN D 204 14.92 -26.80 -31.27
N MET D 205 16.06 -26.79 -30.58
CA MET D 205 16.14 -26.17 -29.28
C MET D 205 15.71 -24.71 -29.32
N MET D 206 16.09 -23.95 -30.34
CA MET D 206 15.73 -22.51 -30.39
C MET D 206 14.23 -22.25 -30.66
N ALA D 207 13.70 -22.98 -31.63
CA ALA D 207 12.28 -23.00 -31.95
C ALA D 207 11.41 -23.39 -30.78
N ASN D 208 11.95 -24.21 -29.88
CA ASN D 208 11.22 -24.68 -28.68
C ASN D 208 11.31 -23.78 -27.43
N LEU D 209 11.80 -22.54 -27.58
CA LEU D 209 11.92 -21.62 -26.46
C LEU D 209 10.55 -21.13 -26.08
N THR D 210 10.29 -21.09 -24.78
CA THR D 210 9.03 -20.56 -24.27
C THR D 210 8.75 -19.17 -24.81
N LYS D 211 9.77 -18.32 -24.78
CA LYS D 211 9.67 -16.99 -25.32
C LYS D 211 10.71 -16.77 -26.44
N THR D 212 10.28 -16.93 -27.71
CA THR D 212 11.18 -16.78 -28.84
C THR D 212 11.50 -15.32 -28.92
N ARG D 213 12.68 -15.00 -29.44
CA ARG D 213 13.17 -13.63 -29.55
C ARG D 213 14.26 -13.56 -30.62
N PRO D 214 14.69 -12.31 -31.01
CA PRO D 214 15.70 -12.18 -32.05
C PRO D 214 17.02 -12.92 -31.81
N ILE D 215 17.31 -13.90 -32.68
CA ILE D 215 18.57 -14.60 -32.63
C ILE D 215 19.18 -14.56 -34.04
N ARG D 216 20.43 -14.10 -34.16
CA ARG D 216 21.19 -14.18 -35.41
C ARG D 216 22.35 -15.23 -35.37
N HIS D 217 22.39 -16.10 -36.38
CA HIS D 217 23.54 -17.02 -36.60
C HIS D 217 24.59 -16.38 -37.54
N ILE D 218 25.73 -15.99 -36.99
CA ILE D 218 26.80 -15.48 -37.84
C ILE D 218 27.88 -16.56 -37.98
N PHE D 219 28.19 -16.95 -39.22
CA PHE D 219 29.13 -18.05 -39.50
C PHE D 219 29.93 -17.89 -40.81
N SER D 220 31.04 -18.63 -40.85
CA SER D 220 31.86 -18.74 -42.04
C SER D 220 31.86 -20.21 -42.54
N GLN D 221 31.76 -21.18 -41.65
CA GLN D 221 31.71 -22.55 -42.14
C GLN D 221 30.53 -23.25 -41.48
N PRO D 222 30.06 -24.37 -42.06
CA PRO D 222 30.40 -24.94 -43.35
C PRO D 222 30.10 -24.02 -44.52
N THR D 223 30.94 -24.09 -45.56
CA THR D 223 30.98 -23.11 -46.65
C THR D 223 30.00 -23.50 -47.75
N GLU D 224 29.47 -24.73 -47.73
CA GLU D 224 28.64 -25.25 -48.82
C GLU D 224 27.27 -24.59 -48.87
N PRO D 225 26.69 -24.56 -50.07
CA PRO D 225 25.33 -24.04 -50.26
C PRO D 225 24.19 -24.79 -49.57
N GLU D 226 24.34 -26.10 -49.35
CA GLU D 226 23.31 -26.86 -48.62
C GLU D 226 23.23 -26.35 -47.16
N TYR D 227 24.34 -25.84 -46.62
CA TYR D 227 24.31 -25.31 -45.25
C TYR D 227 23.67 -23.96 -45.21
N GLU D 228 24.02 -23.09 -46.13
CA GLU D 228 23.34 -21.80 -46.16
C GLU D 228 21.82 -22.02 -46.28
N LYS D 229 21.43 -23.02 -47.07
CA LYS D 229 20.01 -23.31 -47.31
C LYS D 229 19.25 -23.74 -46.05
N ILE D 230 19.83 -24.52 -45.17
CA ILE D 230 19.11 -24.83 -43.93
C ILE D 230 18.97 -23.53 -43.10
N ASN D 231 19.93 -22.59 -43.22
CA ASN D 231 19.82 -21.33 -42.49
C ASN D 231 18.77 -20.45 -43.13
N SER D 232 18.74 -20.37 -44.47
CA SER D 232 17.73 -19.56 -45.16
C SER D 232 16.31 -20.09 -45.00
N ASP D 233 16.14 -21.41 -44.94
CA ASP D 233 14.84 -22.04 -44.69
C ASP D 233 14.34 -21.91 -43.25
N PHE D 234 15.24 -22.03 -42.29
CA PHE D 234 14.87 -21.75 -40.92
C PHE D 234 14.45 -20.29 -40.81
N ALA D 235 15.16 -19.38 -41.50
CA ALA D 235 14.87 -17.94 -41.38
C ALA D 235 13.53 -17.52 -42.03
N GLU D 236 13.18 -18.21 -43.12
CA GLU D 236 11.89 -18.03 -43.81
C GLU D 236 10.74 -18.45 -42.89
N GLN D 237 10.93 -19.55 -42.19
CA GLN D 237 9.94 -20.10 -41.29
C GLN D 237 9.78 -19.32 -39.98
N HIS D 238 10.82 -18.56 -39.60
CA HIS D 238 10.86 -17.94 -38.26
C HIS D 238 11.24 -16.48 -38.35
N PRO D 239 10.30 -15.60 -37.99
CA PRO D 239 10.53 -14.16 -38.09
C PRO D 239 11.68 -13.68 -37.24
N TRP D 240 11.86 -14.33 -36.09
CA TRP D 240 12.84 -13.94 -35.09
C TRP D 240 14.22 -14.41 -35.43
N PHE D 241 14.34 -15.31 -36.44
CA PHE D 241 15.67 -15.84 -36.78
C PHE D 241 16.25 -15.14 -37.98
N SER D 242 17.54 -14.78 -37.89
CA SER D 242 18.30 -14.31 -39.03
C SER D 242 19.72 -14.95 -39.07
N TYR D 243 20.40 -14.82 -40.20
CA TYR D 243 21.78 -15.21 -40.31
C TYR D 243 22.55 -14.28 -41.22
N ALA D 244 23.87 -14.33 -41.08
CA ALA D 244 24.79 -13.66 -41.96
C ALA D 244 26.02 -14.52 -42.15
N LYS D 245 26.36 -14.75 -43.41
CA LYS D 245 27.54 -15.51 -43.77
C LYS D 245 28.73 -14.53 -43.92
N LEU D 246 29.72 -14.70 -43.06
CA LEU D 246 30.76 -13.73 -42.86
C LEU D 246 31.89 -13.94 -43.82
N GLY D 247 32.01 -15.13 -44.38
CA GLY D 247 33.06 -15.37 -45.39
C GLY D 247 34.50 -15.28 -44.88
N GLY D 248 34.73 -15.53 -43.59
CA GLY D 248 36.10 -15.58 -43.08
C GLY D 248 36.65 -16.96 -43.37
N PRO D 249 37.96 -17.16 -43.17
CA PRO D 249 38.59 -18.42 -43.53
C PRO D 249 38.27 -19.59 -42.57
N THR D 250 38.04 -19.33 -41.28
CA THR D 250 37.98 -20.46 -40.30
C THR D 250 36.68 -20.56 -39.47
N HIS D 251 36.61 -21.65 -38.71
CA HIS D 251 35.56 -21.86 -37.67
C HIS D 251 35.59 -20.79 -36.57
N PHE D 252 36.57 -19.88 -36.55
CA PHE D 252 36.66 -18.83 -35.54
C PHE D 252 36.53 -17.36 -36.04
N PRO D 253 35.30 -16.91 -36.43
CA PRO D 253 35.10 -15.50 -36.82
C PRO D 253 35.49 -14.52 -35.76
N ALA D 254 35.32 -14.88 -34.49
CA ALA D 254 35.75 -14.03 -33.40
C ALA D 254 37.22 -13.66 -33.52
N ILE D 255 38.04 -14.58 -34.03
CA ILE D 255 39.49 -14.35 -34.21
C ILE D 255 39.82 -13.80 -35.60
N ASP D 256 39.29 -14.43 -36.63
CA ASP D 256 39.71 -14.06 -38.00
C ASP D 256 38.91 -12.96 -38.70
N VAL D 257 37.69 -12.66 -38.28
CA VAL D 257 36.99 -11.47 -38.77
C VAL D 257 36.32 -10.72 -37.63
N PRO D 258 37.13 -10.27 -36.63
CA PRO D 258 36.57 -9.63 -35.41
C PRO D 258 35.77 -8.34 -35.65
N ASP D 259 36.16 -7.59 -36.66
CA ASP D 259 35.45 -6.37 -37.01
C ASP D 259 34.03 -6.70 -37.49
N ARG D 260 33.87 -7.75 -38.25
CA ARG D 260 32.55 -8.14 -38.74
C ARG D 260 31.65 -8.64 -37.62
N ALA D 261 32.16 -9.49 -36.73
CA ALA D 261 31.35 -10.02 -35.65
C ALA D 261 30.83 -8.85 -34.85
N ALA D 262 31.74 -7.96 -34.49
CA ALA D 262 31.46 -6.73 -33.72
C ALA D 262 30.28 -5.93 -34.28
N VAL D 263 30.23 -5.83 -35.59
CA VAL D 263 29.22 -5.06 -36.27
C VAL D 263 27.81 -5.66 -36.10
N HIS D 264 27.71 -6.98 -36.11
CA HIS D 264 26.45 -7.61 -35.83
C HIS D 264 26.08 -7.50 -34.32
N ILE D 265 27.09 -7.58 -33.46
CA ILE D 265 26.86 -7.43 -32.01
C ILE D 265 26.36 -5.99 -31.75
N ARG D 266 27.07 -5.01 -32.32
CA ARG D 266 26.63 -3.62 -32.15
C ARG D 266 25.23 -3.39 -32.67
N GLU D 267 24.85 -4.04 -33.75
CA GLU D 267 23.54 -3.82 -34.31
C GLU D 267 22.46 -4.29 -33.34
N PHE D 268 22.67 -5.50 -32.82
CA PHE D 268 21.78 -6.09 -31.82
C PHE D 268 21.78 -5.30 -30.49
N ALA D 269 22.94 -4.79 -30.08
CA ALA D 269 23.03 -3.95 -28.86
C ALA D 269 22.18 -2.72 -29.03
N THR D 270 22.32 -2.06 -30.18
CA THR D 270 21.60 -0.83 -30.47
C THR D 270 20.10 -1.02 -30.62
N ALA D 271 19.69 -2.20 -31.06
CA ALA D 271 18.25 -2.52 -31.08
C ALA D 271 17.69 -2.67 -29.64
N ILE D 272 18.46 -3.22 -28.72
CA ILE D 272 18.06 -3.33 -27.31
C ILE D 272 17.94 -1.90 -26.68
N ARG D 273 18.81 -0.98 -27.10
CA ARG D 273 18.78 0.41 -26.64
C ARG D 273 17.66 1.30 -27.17
N GLN D 274 16.87 0.82 -28.11
CA GLN D 274 15.74 1.55 -28.64
C GLN D 274 14.48 0.72 -28.45
C1 GOL E . -31.70 3.29 10.33
O1 GOL E . -32.98 3.79 10.35
C2 GOL E . -30.92 3.98 11.43
O2 GOL E . -31.59 5.17 11.84
C3 GOL E . -30.67 3.04 12.61
O3 GOL E . -31.76 3.13 13.51
O1 SRT F . -15.06 12.84 44.14
O11 SRT F . -14.54 12.85 42.08
C1 SRT F . -14.87 13.48 43.11
C2 SRT F . -15.07 14.99 43.08
O2 SRT F . -16.40 15.28 43.57
C3 SRT F . -14.08 15.80 43.95
O3 SRT F . -12.77 15.21 43.86
C4 SRT F . -14.11 17.27 43.53
O4 SRT F . -13.04 17.81 43.37
O41 SRT F . -15.16 17.92 43.29
O1 SRT G . -20.88 0.78 21.59
O11 SRT G . -22.06 1.52 19.78
C1 SRT G . -21.13 1.59 20.62
C2 SRT G . -20.34 2.83 20.46
O2 SRT G . -20.08 3.39 21.77
C3 SRT G . -19.02 2.85 19.65
O3 SRT G . -17.93 3.28 20.46
C4 SRT G . -18.52 1.76 18.70
O4 SRT G . -19.37 1.31 17.88
O41 SRT G . -17.26 1.44 18.69
C1 GOL H . 10.07 -5.11 -53.03
O1 GOL H . 10.46 -4.31 -54.09
C2 GOL H . 10.64 -4.84 -51.64
O2 GOL H . 10.73 -6.03 -50.84
C3 GOL H . 9.95 -3.67 -50.98
O3 GOL H . 10.84 -2.49 -51.03
O1 SRT I . 27.62 -3.12 -40.34
O11 SRT I . 28.48 -3.62 -42.30
C1 SRT I . 28.17 -2.80 -41.43
C2 SRT I . 28.46 -1.37 -41.77
O2 SRT I . 27.18 -0.72 -41.79
C3 SRT I . 29.41 -0.72 -40.76
O3 SRT I . 30.59 -1.52 -40.68
C4 SRT I . 29.81 0.67 -41.18
O4 SRT I . 30.93 0.79 -41.74
O41 SRT I . 29.03 1.66 -41.00
O1 SRT J . 20.60 -13.79 -65.42
O11 SRT J . 21.11 -15.63 -64.30
C1 SRT J . 21.42 -14.58 -64.93
C2 SRT J . 22.85 -14.22 -65.06
O2 SRT J . 23.20 -13.87 -66.41
C3 SRT J . 23.14 -13.03 -64.13
O3 SRT J . 22.75 -13.39 -62.76
C4 SRT J . 24.58 -12.60 -64.33
O4 SRT J . 24.98 -11.44 -64.01
O41 SRT J . 25.37 -13.38 -64.86
O1 SRT K . 7.74 -3.12 48.08
O11 SRT K . 8.90 -4.80 48.74
C1 SRT K . 8.54 -3.63 48.85
C2 SRT K . 9.01 -2.67 49.91
O2 SRT K . 7.81 -2.27 50.59
C3 SRT K . 10.15 -3.14 50.84
O3 SRT K . 10.59 -2.04 51.67
C4 SRT K . 9.75 -4.32 51.70
O4 SRT K . 9.45 -4.08 52.92
O41 SRT K . 9.79 -5.48 51.15
O1 SRT L . -10.50 3.48 35.95
O11 SRT L . -12.48 4.36 35.48
C1 SRT L . -11.74 3.44 35.82
C2 SRT L . -12.41 2.17 36.18
O2 SRT L . -11.31 1.31 36.42
C3 SRT L . -13.22 2.37 37.46
O3 SRT L . -12.46 3.18 38.38
C4 SRT L . -14.61 2.94 37.14
O4 SRT L . -15.42 2.14 36.54
O41 SRT L . -14.90 4.14 37.48
O1 SRT M . 51.47 -21.82 -36.01
O11 SRT M . 50.62 -20.39 -37.39
C1 SRT M . 51.19 -20.63 -36.30
C2 SRT M . 51.57 -19.44 -35.41
O2 SRT M . 50.45 -18.82 -34.68
C3 SRT M . 52.76 -19.79 -34.46
O3 SRT M . 53.35 -18.61 -33.89
C4 SRT M . 52.38 -20.64 -33.29
O4 SRT M . 52.04 -20.10 -32.20
O41 SRT M . 52.42 -21.88 -33.47
O1 SRT N . 31.70 -11.04 -47.91
O1 SRT N . 32.70 -13.85 -48.76
O11 SRT N . 31.29 -12.90 -46.74
O11 SRT N . 30.47 -13.90 -48.70
C1 SRT N . 31.16 -12.17 -47.76
C1 SRT N . 31.57 -13.33 -48.86
C2 SRT N . 30.23 -12.64 -48.84
C2 SRT N . 31.59 -11.87 -49.20
O2 SRT N . 30.84 -13.00 -50.06
O2 SRT N . 30.25 -11.46 -49.50
C3 SRT N . 29.54 -13.82 -48.22
C3 SRT N . 32.22 -11.17 -48.00
O3 SRT N . 29.94 -13.89 -46.86
O3 SRT N . 33.36 -10.39 -48.36
C4 SRT N . 28.12 -13.45 -48.19
C4 SRT N . 31.20 -10.29 -47.34
O4 SRT N . 27.31 -14.31 -48.59
O4 SRT N . 31.59 -9.32 -46.68
O41 SRT N . 27.87 -12.29 -47.78
O41 SRT N . 30.01 -10.59 -47.46
#